data_6BAV
#
_entry.id   6BAV
#
_cell.length_a   114.659
_cell.length_b   114.659
_cell.length_c   321.449
_cell.angle_alpha   90.000
_cell.angle_beta   90.000
_cell.angle_gamma   120.000
#
_symmetry.space_group_name_H-M   'P 61'
#
loop_
_entity.id
_entity.type
_entity.pdbx_description
1 polymer 'Glutamate transporter homolog'
2 non-polymer 'SODIUM ION'
3 non-polymer BENZYLCYSTEINE
#
_entity_poly.entity_id   1
_entity_poly.type   'polypeptide(L)'
_entity_poly.pdbx_seq_one_letter_code
;MGLYRKYIEYPVLQKILIGLILGAIVGLILGHYGYADAVKTYVKPFGDLFVRLLKMLVMPIVFASLVVGAASISPARLGR
VGVKIVVYYLLTSAFAVTLGIIMARLFNPGAGIHLAVGGQQFQPKQAPPLVKILLDIVPTNPFGALANGQVLPTIFFAII
LGIAITYLMNSENEKVRKSAETLLDAINGLAEAMYKIVNGVMQYAPIGVFALIAYVMAEQGVKVVGELAKVTAAVYVGLT
LQILLVYFVLLKIYGIDPISFIKKAKDAMLTAFVTRSSSGTLPVTMRVAKEMGISEGIYSFTLPLGATINMDGTALYQGV
CTFFIANALGSHLTVGQQLTIVLTAVLASIGTAGVPGAGAIMLAMVLESVGLPLTDPNVAAAYAMILGIDAILDMGCTMV
NVTGDLTGTAIVAKTEGTLV
;
_entity_poly.pdbx_strand_id   A,B,C
#
loop_
_chem_comp.id
_chem_comp.type
_chem_comp.name
_chem_comp.formula
NA non-polymer 'SODIUM ION' 'Na 1'
#
# COMPACT_ATOMS: atom_id res chain seq x y z
N GLU A 9 14.87 28.07 25.79
CA GLU A 9 13.72 27.52 25.01
C GLU A 9 12.39 27.58 25.77
N TYR A 10 12.42 27.22 27.05
CA TYR A 10 11.22 27.01 27.90
C TYR A 10 10.10 26.17 27.22
N PRO A 11 8.84 26.30 27.71
CA PRO A 11 7.63 25.69 27.14
C PRO A 11 7.61 25.41 25.62
N VAL A 12 6.95 24.35 25.16
CA VAL A 12 5.96 23.49 25.86
C VAL A 12 4.65 24.25 26.22
N LEU A 13 4.16 24.13 27.45
CA LEU A 13 2.80 24.61 27.83
C LEU A 13 2.50 26.09 27.65
N GLN A 14 3.52 26.95 27.79
CA GLN A 14 3.35 28.39 27.67
C GLN A 14 3.56 28.91 26.25
N LYS A 15 4.63 28.47 25.60
CA LYS A 15 4.96 28.96 24.24
C LYS A 15 3.88 28.62 23.21
N ILE A 16 3.15 27.53 23.44
CA ILE A 16 1.96 27.22 22.68
C ILE A 16 0.93 28.32 22.93
N LEU A 17 0.63 28.58 24.21
CA LEU A 17 -0.35 29.57 24.63
C LEU A 17 -0.03 31.00 24.17
N ILE A 18 1.24 31.27 23.91
CA ILE A 18 1.68 32.57 23.36
C ILE A 18 1.23 32.70 21.91
N GLY A 19 1.38 31.62 21.15
CA GLY A 19 0.96 31.59 19.75
C GLY A 19 -0.54 31.50 19.57
N LEU A 20 -1.22 30.88 20.53
CA LEU A 20 -2.68 30.73 20.49
C LEU A 20 -3.39 32.07 20.66
N ILE A 21 -2.99 32.84 21.66
CA ILE A 21 -3.59 34.17 21.92
C ILE A 21 -3.19 35.16 20.82
N LEU A 22 -1.89 35.18 20.48
CA LEU A 22 -1.34 36.07 19.46
C LEU A 22 -1.94 35.79 18.08
N GLY A 23 -2.15 34.51 17.78
CA GLY A 23 -2.77 34.10 16.52
C GLY A 23 -4.23 34.50 16.39
N ALA A 24 -4.91 34.58 17.53
CA ALA A 24 -6.33 34.92 17.56
C ALA A 24 -6.56 36.38 17.20
N ILE A 25 -5.82 37.26 17.87
CA ILE A 25 -5.94 38.70 17.67
C ILE A 25 -5.37 39.14 16.31
N VAL A 26 -4.28 38.51 15.87
CA VAL A 26 -3.69 38.81 14.57
C VAL A 26 -4.55 38.23 13.43
N GLY A 27 -5.28 37.16 13.74
CA GLY A 27 -6.20 36.54 12.79
C GLY A 27 -7.43 37.39 12.59
N LEU A 28 -8.20 37.56 13.68
CA LEU A 28 -9.42 38.36 13.68
C LEU A 28 -9.21 39.73 13.03
N ILE A 29 -8.11 40.39 13.36
CA ILE A 29 -7.78 41.71 12.81
C ILE A 29 -7.37 41.63 11.33
N LEU A 30 -6.46 40.70 11.00
CA LEU A 30 -5.98 40.56 9.63
C LEU A 30 -7.08 40.12 8.68
N GLY A 31 -8.01 39.33 9.20
CA GLY A 31 -9.16 38.86 8.42
C GLY A 31 -10.24 39.92 8.23
N HIS A 32 -10.52 40.67 9.29
CA HIS A 32 -11.54 41.71 9.26
C HIS A 32 -11.14 42.89 8.36
N TYR A 33 -9.85 42.98 8.05
CA TYR A 33 -9.33 44.00 7.15
C TYR A 33 -9.18 43.48 5.71
N GLY A 34 -9.94 42.42 5.40
CA GLY A 34 -10.06 41.90 4.04
C GLY A 34 -9.13 40.77 3.66
N TYR A 35 -7.89 40.82 4.19
CA TYR A 35 -6.82 39.94 3.75
C TYR A 35 -6.90 38.50 4.26
N ALA A 36 -8.10 37.92 4.24
CA ALA A 36 -8.31 36.54 4.65
C ALA A 36 -7.60 35.56 3.73
N ASP A 37 -7.69 35.80 2.42
CA ASP A 37 -7.00 35.00 1.41
C ASP A 37 -5.49 35.06 1.58
N ALA A 38 -4.99 36.25 1.92
CA ALA A 38 -3.57 36.48 2.17
C ALA A 38 -3.08 35.71 3.40
N VAL A 39 -4.02 35.28 4.24
CA VAL A 39 -3.71 34.42 5.36
C VAL A 39 -3.77 32.96 4.90
N LYS A 40 -4.71 32.67 4.00
CA LYS A 40 -4.92 31.32 3.46
C LYS A 40 -3.65 30.78 2.81
N THR A 41 -3.06 31.59 1.94
CA THR A 41 -1.69 31.37 1.48
C THR A 41 -0.78 32.15 2.43
N TYR A 42 0.50 31.79 2.48
CA TYR A 42 1.48 32.39 3.40
C TYR A 42 1.44 31.80 4.81
N VAL A 43 0.34 32.01 5.53
CA VAL A 43 0.27 31.66 6.96
C VAL A 43 -0.13 30.20 7.22
N LYS A 44 -1.21 29.75 6.59
CA LYS A 44 -1.73 28.39 6.80
C LYS A 44 -0.73 27.26 6.50
N PRO A 45 -0.02 27.33 5.36
CA PRO A 45 0.97 26.29 5.04
C PRO A 45 1.85 25.85 6.22
N PHE A 46 2.31 26.80 7.04
CA PHE A 46 3.14 26.49 8.19
C PHE A 46 2.39 25.63 9.21
N GLY A 47 1.11 25.95 9.40
CA GLY A 47 0.22 25.18 10.28
C GLY A 47 -0.13 23.81 9.74
N ASP A 48 -0.15 23.67 8.41
CA ASP A 48 -0.39 22.38 7.77
C ASP A 48 0.79 21.43 7.99
N LEU A 49 2.01 21.96 7.88
CA LEU A 49 3.23 21.20 8.16
C LEU A 49 3.15 20.50 9.51
N PHE A 50 2.73 21.26 10.53
CA PHE A 50 2.51 20.75 11.87
C PHE A 50 1.53 19.59 11.87
N VAL A 51 0.40 19.75 11.17
CA VAL A 51 -0.64 18.72 11.08
C VAL A 51 -0.12 17.47 10.39
N ARG A 52 0.68 17.67 9.35
CA ARG A 52 1.24 16.58 8.57
C ARG A 52 2.28 15.79 9.36
N LEU A 53 3.14 16.52 10.08
CA LEU A 53 4.16 15.91 10.92
C LEU A 53 3.56 15.01 12.00
N LEU A 54 2.46 15.46 12.59
CA LEU A 54 1.72 14.67 13.58
C LEU A 54 1.09 13.42 12.96
N LYS A 55 0.37 13.61 11.85
CA LYS A 55 -0.30 12.50 11.14
C LYS A 55 0.70 11.48 10.62
N MET A 56 1.91 11.96 10.30
CA MET A 56 3.03 11.10 9.93
C MET A 56 3.24 10.00 10.97
N LEU A 57 3.12 10.36 12.24
CA LEU A 57 3.40 9.45 13.32
C LEU A 57 2.23 8.53 13.62
N VAL A 58 1.01 8.97 13.31
CA VAL A 58 -0.22 8.30 13.81
C VAL A 58 -0.36 6.82 13.45
N MET A 59 0.23 6.39 12.33
CA MET A 59 0.12 5.00 11.95
C MET A 59 1.12 4.06 12.62
N PRO A 60 2.43 4.37 12.57
CA PRO A 60 3.39 3.57 13.33
C PRO A 60 3.13 3.57 14.84
N ILE A 61 2.91 4.74 15.43
CA ILE A 61 2.69 4.83 16.88
C ILE A 61 1.49 3.99 17.35
N VAL A 62 0.43 3.95 16.56
CA VAL A 62 -0.77 3.18 16.89
C VAL A 62 -0.50 1.68 16.82
N PHE A 63 0.08 1.24 15.71
CA PHE A 63 0.38 -0.17 15.51
C PHE A 63 1.44 -0.67 16.50
N ALA A 64 2.64 -0.09 16.40
CA ALA A 64 3.79 -0.54 17.20
C ALA A 64 3.55 -0.57 18.72
N SER A 65 2.96 0.50 19.25
CA SER A 65 2.70 0.57 20.68
C SER A 65 1.56 -0.36 21.14
N LEU A 66 0.62 -0.67 20.25
CA LEU A 66 -0.48 -1.57 20.61
C LEU A 66 -0.07 -3.05 20.62
N VAL A 67 0.90 -3.43 19.80
CA VAL A 67 1.41 -4.81 19.82
C VAL A 67 2.11 -5.07 21.15
N VAL A 68 2.89 -4.09 21.61
CA VAL A 68 3.54 -4.17 22.92
C VAL A 68 2.61 -3.73 24.07
N GLY A 69 1.33 -3.57 23.73
CA GLY A 69 0.29 -3.31 24.72
C GLY A 69 -0.58 -4.54 24.90
N ALA A 70 -0.52 -5.45 23.93
CA ALA A 70 -1.21 -6.72 24.01
C ALA A 70 -0.27 -7.77 24.57
N ALA A 71 1.03 -7.52 24.43
CA ALA A 71 2.05 -8.33 25.08
C ALA A 71 2.18 -7.94 26.56
N SER A 72 1.78 -6.71 26.85
CA SER A 72 1.82 -6.15 28.20
C SER A 72 0.73 -6.74 29.09
N ILE A 73 -0.46 -6.91 28.52
CA ILE A 73 -1.67 -7.21 29.29
C ILE A 73 -2.23 -8.61 28.99
N SER A 74 -2.90 -9.18 29.99
CA SER A 74 -3.59 -10.47 29.86
C SER A 74 -4.76 -10.39 28.87
N PRO A 75 -4.92 -11.42 28.01
CA PRO A 75 -5.97 -11.42 26.97
C PRO A 75 -7.39 -11.19 27.50
N ALA A 76 -7.70 -11.70 28.68
CA ALA A 76 -9.00 -11.48 29.31
C ALA A 76 -9.11 -10.05 29.83
N ARG A 77 -8.03 -9.58 30.44
CA ARG A 77 -7.93 -8.21 30.97
C ARG A 77 -8.29 -7.17 29.91
N LEU A 78 -7.83 -7.40 28.69
CA LEU A 78 -8.02 -6.47 27.57
C LEU A 78 -9.47 -6.46 27.09
N GLY A 79 -10.08 -7.63 27.10
CA GLY A 79 -11.50 -7.76 26.78
C GLY A 79 -12.36 -6.98 27.75
N ARG A 80 -12.02 -7.08 29.03
CA ARG A 80 -12.69 -6.32 30.08
C ARG A 80 -12.48 -4.81 29.88
N VAL A 81 -11.26 -4.43 29.53
CA VAL A 81 -10.93 -3.04 29.23
C VAL A 81 -11.85 -2.56 28.11
N GLY A 82 -11.88 -3.33 27.02
CA GLY A 82 -12.75 -3.03 25.89
C GLY A 82 -14.20 -2.84 26.27
N VAL A 83 -14.75 -3.79 27.03
CA VAL A 83 -16.15 -3.76 27.43
C VAL A 83 -16.49 -2.54 28.28
N LYS A 84 -15.55 -2.09 29.10
CA LYS A 84 -15.76 -0.91 29.94
C LYS A 84 -15.67 0.40 29.14
N ILE A 85 -14.58 0.59 28.40
CA ILE A 85 -14.33 1.83 27.64
C ILE A 85 -15.39 2.07 26.57
N VAL A 86 -15.97 1.00 26.04
CA VAL A 86 -17.04 1.10 25.05
C VAL A 86 -18.34 1.55 25.70
N VAL A 87 -18.65 0.99 26.88
CA VAL A 87 -19.81 1.44 27.66
C VAL A 87 -19.62 2.87 28.14
N TYR A 88 -18.37 3.23 28.45
CA TYR A 88 -18.04 4.61 28.79
C TYR A 88 -18.32 5.53 27.61
N TYR A 89 -17.77 5.20 26.44
CA TYR A 89 -17.91 6.05 25.25
C TYR A 89 -19.36 6.33 24.88
N LEU A 90 -20.21 5.31 25.01
CA LEU A 90 -21.63 5.42 24.66
C LEU A 90 -22.40 6.33 25.62
N LEU A 91 -22.12 6.21 26.92
CA LEU A 91 -22.81 7.02 27.91
C LEU A 91 -22.37 8.48 27.93
N THR A 92 -21.16 8.76 27.45
CA THR A 92 -20.66 10.14 27.36
C THR A 92 -21.14 10.82 26.09
N SER A 93 -21.16 10.06 24.99
CA SER A 93 -21.73 10.55 23.73
C SER A 93 -23.21 10.88 23.91
N ALA A 94 -23.92 10.05 24.66
CA ALA A 94 -25.34 10.27 24.94
C ALA A 94 -25.56 11.51 25.80
N PHE A 95 -24.62 11.79 26.69
CA PHE A 95 -24.70 12.98 27.54
C PHE A 95 -24.49 14.27 26.76
N ALA A 96 -23.63 14.22 25.75
CA ALA A 96 -23.29 15.40 24.97
C ALA A 96 -24.45 15.86 24.06
N VAL A 97 -25.16 14.89 23.48
CA VAL A 97 -26.34 15.19 22.68
C VAL A 97 -27.51 15.62 23.58
N THR A 98 -27.54 15.09 24.80
CA THR A 98 -28.54 15.50 25.79
C THR A 98 -28.23 16.91 26.28
N LEU A 99 -26.94 17.22 26.43
CA LEU A 99 -26.52 18.53 26.86
C LEU A 99 -26.67 19.53 25.72
N GLY A 100 -26.46 19.06 24.50
CA GLY A 100 -26.64 19.88 23.31
C GLY A 100 -28.04 20.44 23.19
N ILE A 101 -29.02 19.54 23.27
CA ILE A 101 -30.44 19.91 23.27
C ILE A 101 -30.74 20.88 24.42
N ILE A 102 -30.22 20.56 25.61
CA ILE A 102 -30.53 21.33 26.81
C ILE A 102 -29.86 22.71 26.83
N MET A 103 -28.80 22.86 26.03
CA MET A 103 -28.16 24.16 25.82
C MET A 103 -28.83 24.87 24.66
N ALA A 104 -29.32 24.07 23.70
CA ALA A 104 -30.01 24.60 22.53
C ALA A 104 -31.46 24.98 22.82
N ARG A 105 -31.91 24.67 24.03
CA ARG A 105 -33.20 25.13 24.50
C ARG A 105 -32.99 26.33 25.41
N LEU A 106 -31.84 26.36 26.08
CA LEU A 106 -31.45 27.51 26.91
C LEU A 106 -31.13 28.71 26.01
N PHE A 107 -30.30 28.46 24.99
CA PHE A 107 -30.08 29.44 23.93
C PHE A 107 -31.05 29.15 22.79
N ASN A 108 -31.56 30.21 22.15
CA ASN A 108 -32.42 30.04 20.98
C ASN A 108 -31.71 30.43 19.69
N PRO A 109 -31.10 29.45 19.01
CA PRO A 109 -30.34 29.72 17.80
C PRO A 109 -31.24 29.74 16.55
N GLY A 110 -31.46 30.94 16.01
CA GLY A 110 -32.25 31.13 14.78
C GLY A 110 -33.75 31.07 14.96
N ALA A 111 -34.22 31.44 16.14
CA ALA A 111 -35.64 31.37 16.49
C ALA A 111 -36.52 32.25 15.62
N GLY A 112 -36.17 33.53 15.50
CA GLY A 112 -36.95 34.49 14.70
C GLY A 112 -36.35 34.74 13.33
N ILE A 113 -35.74 33.71 12.75
CA ILE A 113 -34.98 33.83 11.50
C ILE A 113 -35.58 33.01 10.36
N HIS A 114 -35.92 33.71 9.28
CA HIS A 114 -36.38 33.08 8.04
C HIS A 114 -35.30 33.19 6.97
N LEU A 115 -34.94 32.06 6.39
CA LEU A 115 -33.77 31.98 5.53
C LEU A 115 -34.10 32.22 4.06
N ALA A 116 -33.15 32.79 3.33
CA ALA A 116 -33.25 32.95 1.89
C ALA A 116 -32.88 31.63 1.21
N VAL A 117 -33.82 31.11 0.42
CA VAL A 117 -33.71 29.75 -0.13
C VAL A 117 -33.15 29.69 -1.55
N GLY A 118 -32.38 28.65 -1.85
CA GLY A 118 -31.86 28.43 -3.19
C GLY A 118 -30.35 28.47 -3.28
N GLY A 119 -29.69 28.54 -2.12
CA GLY A 119 -28.23 28.65 -2.05
C GLY A 119 -27.51 27.35 -2.35
N GLN A 120 -26.55 27.00 -1.49
CA GLN A 120 -25.82 25.74 -1.62
C GLN A 120 -26.78 24.57 -1.49
N GLN A 121 -26.55 23.54 -2.29
CA GLN A 121 -27.37 22.33 -2.22
C GLN A 121 -26.53 21.16 -1.73
N PHE A 122 -27.15 20.31 -0.93
CA PHE A 122 -26.42 19.18 -0.36
C PHE A 122 -27.07 17.85 -0.66
N GLN A 123 -26.22 16.87 -0.96
CA GLN A 123 -26.63 15.49 -1.07
C GLN A 123 -25.93 14.70 0.03
N PRO A 124 -26.70 13.94 0.83
CA PRO A 124 -26.09 13.17 1.90
C PRO A 124 -25.52 11.84 1.39
N LYS A 125 -24.27 11.57 1.76
CA LYS A 125 -23.62 10.31 1.37
C LYS A 125 -24.17 9.14 2.18
N GLN A 126 -24.28 7.98 1.53
CA GLN A 126 -24.87 6.77 2.12
C GLN A 126 -24.09 6.21 3.31
N ALA A 127 -24.82 5.75 4.33
CA ALA A 127 -24.21 5.05 5.45
C ALA A 127 -24.07 3.57 5.10
N PRO A 128 -22.83 3.05 5.07
CA PRO A 128 -22.61 1.64 4.76
C PRO A 128 -23.37 0.72 5.73
N PRO A 129 -23.96 -0.38 5.22
CA PRO A 129 -24.69 -1.33 6.06
C PRO A 129 -23.86 -1.78 7.26
N LEU A 130 -24.48 -1.75 8.45
CA LEU A 130 -23.79 -2.03 9.72
C LEU A 130 -22.94 -3.30 9.69
N VAL A 131 -23.41 -4.30 8.95
CA VAL A 131 -22.72 -5.58 8.79
C VAL A 131 -21.33 -5.37 8.17
N LYS A 132 -21.29 -4.68 7.02
CA LYS A 132 -20.03 -4.46 6.30
C LYS A 132 -19.16 -3.35 6.90
N ILE A 133 -19.52 -2.89 8.10
CA ILE A 133 -18.64 -2.03 8.89
C ILE A 133 -17.94 -2.90 9.92
N LEU A 134 -18.75 -3.62 10.71
CA LEU A 134 -18.24 -4.55 11.70
C LEU A 134 -17.26 -5.53 11.08
N LEU A 135 -17.69 -6.19 10.01
CA LEU A 135 -16.87 -7.17 9.29
C LEU A 135 -15.59 -6.56 8.71
N ASP A 136 -15.69 -5.30 8.28
CA ASP A 136 -14.53 -4.61 7.70
C ASP A 136 -13.50 -4.17 8.74
N ILE A 137 -13.78 -4.46 10.01
CA ILE A 137 -12.79 -4.24 11.08
C ILE A 137 -11.70 -5.31 10.98
N VAL A 138 -12.10 -6.56 10.74
CA VAL A 138 -11.14 -7.64 10.49
C VAL A 138 -10.52 -7.42 9.12
N PRO A 139 -9.25 -6.97 9.08
CA PRO A 139 -8.65 -6.63 7.80
C PRO A 139 -8.21 -7.85 6.99
N THR A 140 -8.47 -7.82 5.69
CA THR A 140 -8.05 -8.88 4.79
C THR A 140 -6.54 -8.84 4.62
N ASN A 141 -5.99 -7.64 4.54
CA ASN A 141 -4.55 -7.45 4.43
C ASN A 141 -4.05 -6.50 5.50
N PRO A 142 -3.26 -7.02 6.47
CA PRO A 142 -2.70 -6.19 7.54
C PRO A 142 -1.78 -5.11 6.99
N PHE A 143 -0.95 -5.48 6.01
CA PHE A 143 -0.07 -4.54 5.31
C PHE A 143 -0.89 -3.49 4.61
N GLY A 144 -1.99 -3.91 3.98
CA GLY A 144 -2.94 -3.01 3.36
C GLY A 144 -3.48 -1.99 4.33
N ALA A 145 -4.06 -2.47 5.42
CA ALA A 145 -4.59 -1.61 6.48
C ALA A 145 -3.57 -0.55 6.87
N LEU A 146 -2.37 -1.00 7.24
CA LEU A 146 -1.27 -0.10 7.58
C LEU A 146 -1.00 0.90 6.47
N ALA A 147 -0.86 0.40 5.25
CA ALA A 147 -0.46 1.21 4.10
C ALA A 147 -1.40 2.36 3.77
N ASN A 148 -2.65 2.29 4.22
CA ASN A 148 -3.62 3.36 3.93
C ASN A 148 -4.64 3.68 5.03
N GLY A 149 -4.19 4.38 6.07
CA GLY A 149 -5.05 4.78 7.19
C GLY A 149 -5.55 3.57 7.96
N GLN A 150 -6.86 3.32 7.90
CA GLN A 150 -7.51 2.12 8.47
C GLN A 150 -7.20 1.93 9.96
N VAL A 151 -7.56 2.91 10.77
CA VAL A 151 -7.21 2.91 12.20
C VAL A 151 -7.77 1.68 12.92
N LEU A 152 -9.04 1.39 12.66
CA LEU A 152 -9.71 0.26 13.29
C LEU A 152 -9.21 -1.12 12.84
N PRO A 153 -9.14 -1.36 11.50
CA PRO A 153 -8.55 -2.64 11.11
C PRO A 153 -7.18 -2.88 11.71
N THR A 154 -6.37 -1.84 11.79
CA THR A 154 -5.03 -1.92 12.40
C THR A 154 -5.14 -2.32 13.87
N ILE A 155 -6.04 -1.67 14.61
CA ILE A 155 -6.28 -2.00 16.02
C ILE A 155 -6.47 -3.50 16.22
N PHE A 156 -7.31 -4.10 15.39
CA PHE A 156 -7.64 -5.53 15.50
C PHE A 156 -6.44 -6.45 15.27
N PHE A 157 -5.67 -6.21 14.20
CA PHE A 157 -4.49 -7.02 13.91
C PHE A 157 -3.39 -6.80 14.94
N ALA A 158 -3.30 -5.59 15.49
CA ALA A 158 -2.30 -5.27 16.52
C ALA A 158 -2.53 -6.03 17.82
N ILE A 159 -3.79 -6.22 18.19
CA ILE A 159 -4.16 -6.97 19.40
C ILE A 159 -4.05 -8.47 19.17
N ILE A 160 -4.40 -8.91 17.95
CA ILE A 160 -4.29 -10.32 17.59
C ILE A 160 -2.82 -10.74 17.50
N LEU A 161 -1.95 -9.86 17.00
CA LEU A 161 -0.51 -10.15 16.94
C LEU A 161 0.12 -10.09 18.33
N GLY A 162 -0.33 -9.14 19.14
CA GLY A 162 0.17 -8.95 20.49
C GLY A 162 -0.22 -10.06 21.46
N ILE A 163 -1.35 -10.69 21.22
CA ILE A 163 -1.76 -11.86 22.00
C ILE A 163 -1.04 -13.11 21.51
N ALA A 164 -0.76 -13.17 20.21
CA ALA A 164 -0.04 -14.29 19.60
C ALA A 164 1.43 -14.29 20.00
N ILE A 165 2.03 -13.10 20.01
CA ILE A 165 3.45 -12.93 20.34
C ILE A 165 3.71 -13.20 21.84
N THR A 166 2.70 -13.00 22.66
CA THR A 166 2.80 -13.21 24.11
C THR A 166 2.69 -14.70 24.47
N TYR A 167 1.85 -15.43 23.73
CA TYR A 167 1.73 -16.88 23.83
C TYR A 167 3.03 -17.54 23.39
N LEU A 168 3.58 -17.01 22.30
CA LEU A 168 4.76 -17.55 21.64
C LEU A 168 6.01 -17.42 22.50
N MET A 169 6.07 -16.36 23.31
CA MET A 169 7.22 -16.07 24.17
C MET A 169 7.48 -17.13 25.24
N ASN A 170 6.47 -17.39 26.07
CA ASN A 170 6.59 -18.36 27.17
C ASN A 170 6.31 -19.82 26.77
N SER A 171 6.54 -20.13 25.49
CA SER A 171 6.48 -21.50 24.98
C SER A 171 7.74 -22.25 25.42
N GLU A 172 7.61 -23.57 25.57
CA GLU A 172 8.69 -24.39 26.14
C GLU A 172 9.94 -24.59 25.26
N ASN A 173 9.90 -24.04 24.04
CA ASN A 173 11.07 -24.04 23.17
C ASN A 173 11.79 -22.69 23.22
N GLU A 174 13.11 -22.73 23.38
CA GLU A 174 13.92 -21.51 23.52
C GLU A 174 14.58 -21.09 22.19
N LYS A 175 14.16 -21.72 21.09
CA LYS A 175 14.52 -21.28 19.74
C LYS A 175 13.38 -20.46 19.14
N VAL A 176 12.16 -20.74 19.59
CA VAL A 176 10.98 -19.98 19.19
C VAL A 176 10.77 -18.78 20.12
N ARG A 177 11.31 -18.87 21.33
CA ARG A 177 11.20 -17.81 22.34
C ARG A 177 11.99 -16.56 21.96
N LYS A 178 13.17 -16.76 21.37
CA LYS A 178 14.02 -15.68 20.89
C LYS A 178 13.39 -14.94 19.70
N SER A 179 12.62 -15.68 18.89
CA SER A 179 11.94 -15.14 17.72
C SER A 179 10.86 -14.14 18.14
N ALA A 180 10.04 -14.55 19.11
CA ALA A 180 8.96 -13.72 19.62
C ALA A 180 9.47 -12.47 20.35
N GLU A 181 10.63 -12.58 20.99
CA GLU A 181 11.23 -11.46 21.70
C GLU A 181 11.79 -10.40 20.76
N THR A 182 12.68 -10.83 19.85
CA THR A 182 13.34 -9.93 18.90
C THR A 182 12.35 -9.07 18.12
N LEU A 183 11.26 -9.71 17.68
CA LEU A 183 10.17 -9.03 16.98
C LEU A 183 9.48 -8.01 17.89
N LEU A 184 9.14 -8.44 19.10
CA LEU A 184 8.44 -7.61 20.08
C LEU A 184 9.25 -6.38 20.45
N ASP A 185 10.56 -6.57 20.65
CA ASP A 185 11.46 -5.47 20.98
C ASP A 185 11.63 -4.50 19.81
N ALA A 186 11.83 -5.04 18.61
CA ALA A 186 11.94 -4.21 17.40
C ALA A 186 10.70 -3.36 17.21
N ILE A 187 9.53 -3.98 17.39
CA ILE A 187 8.24 -3.28 17.31
C ILE A 187 8.16 -2.19 18.38
N ASN A 188 8.58 -2.53 19.60
CA ASN A 188 8.67 -1.56 20.70
C ASN A 188 9.68 -0.47 20.36
N GLY A 189 10.82 -0.87 19.81
CA GLY A 189 11.81 0.07 19.29
C GLY A 189 11.14 1.12 18.42
N LEU A 190 10.30 0.67 17.50
CA LEU A 190 9.54 1.58 16.64
C LEU A 190 8.61 2.44 17.46
N ALA A 191 7.87 1.82 18.37
CA ALA A 191 6.94 2.55 19.23
C ALA A 191 7.69 3.64 19.99
N GLU A 192 8.74 3.26 20.69
CA GLU A 192 9.53 4.21 21.48
C GLU A 192 9.98 5.38 20.62
N ALA A 193 10.57 5.06 19.46
CA ALA A 193 11.08 6.07 18.54
C ALA A 193 10.02 7.08 18.13
N MET A 194 8.79 6.61 17.91
CA MET A 194 7.67 7.49 17.56
C MET A 194 7.37 8.48 18.67
N TYR A 195 7.33 7.99 19.92
CA TYR A 195 7.11 8.84 21.08
C TYR A 195 8.18 9.91 21.20
N LYS A 196 9.40 9.56 20.80
CA LYS A 196 10.54 10.49 20.80
C LYS A 196 10.31 11.60 19.78
N ILE A 197 9.87 11.23 18.57
CA ILE A 197 9.61 12.20 17.52
C ILE A 197 8.49 13.15 17.92
N VAL A 198 7.50 12.64 18.66
CA VAL A 198 6.39 13.46 19.14
C VAL A 198 6.91 14.67 19.91
N ASN A 199 7.93 14.45 20.73
CA ASN A 199 8.60 15.54 21.45
C ASN A 199 9.22 16.59 20.52
N GLY A 200 9.80 16.13 19.42
CA GLY A 200 10.42 17.01 18.43
C GLY A 200 9.40 17.86 17.71
N VAL A 201 8.36 17.22 17.20
CA VAL A 201 7.25 17.91 16.54
C VAL A 201 6.60 18.92 17.49
N MET A 202 6.51 18.56 18.76
CA MET A 202 5.96 19.43 19.80
C MET A 202 6.74 20.74 19.97
N GLN A 203 8.01 20.72 19.58
CA GLN A 203 8.84 21.93 19.63
C GLN A 203 8.43 22.91 18.54
N TYR A 204 7.83 22.38 17.46
CA TYR A 204 7.31 23.20 16.36
C TYR A 204 5.87 23.62 16.62
N ALA A 205 5.25 23.03 17.64
CA ALA A 205 3.85 23.31 17.99
C ALA A 205 3.45 24.80 18.01
N PRO A 206 4.25 25.67 18.65
CA PRO A 206 3.87 27.09 18.70
C PRO A 206 3.71 27.76 17.33
N ILE A 207 4.56 27.39 16.38
CA ILE A 207 4.46 27.93 15.02
C ILE A 207 3.19 27.40 14.33
N GLY A 208 2.93 26.10 14.51
CA GLY A 208 1.74 25.46 13.97
C GLY A 208 0.45 25.99 14.59
N VAL A 209 0.40 25.99 15.92
CA VAL A 209 -0.75 26.51 16.67
C VAL A 209 -1.09 27.92 16.26
N PHE A 210 -0.07 28.78 16.17
CA PHE A 210 -0.25 30.17 15.76
C PHE A 210 -0.85 30.28 14.37
N ALA A 211 -0.24 29.60 13.40
CA ALA A 211 -0.63 29.67 12.00
C ALA A 211 -2.01 29.07 11.77
N LEU A 212 -2.30 27.97 12.47
CA LEU A 212 -3.55 27.25 12.27
C LEU A 212 -4.78 28.03 12.68
N ILE A 213 -4.73 28.68 13.85
CA ILE A 213 -5.87 29.50 14.29
C ILE A 213 -5.76 30.94 13.82
N ALA A 214 -4.63 31.28 13.19
CA ALA A 214 -4.50 32.54 12.49
C ALA A 214 -5.34 32.49 11.22
N TYR A 215 -5.40 31.30 10.62
CA TYR A 215 -6.21 31.05 9.44
C TYR A 215 -7.69 30.99 9.80
N VAL A 216 -8.04 30.12 10.75
CA VAL A 216 -9.42 29.88 11.13
C VAL A 216 -10.11 31.16 11.63
N MET A 217 -9.39 31.97 12.41
CA MET A 217 -9.95 33.22 12.91
C MET A 217 -10.13 34.30 11.84
N ALA A 218 -9.24 34.29 10.84
CA ALA A 218 -9.29 35.29 9.77
C ALA A 218 -10.32 34.96 8.69
N GLU A 219 -10.49 33.66 8.43
CA GLU A 219 -11.34 33.18 7.34
C GLU A 219 -12.70 32.69 7.82
N GLN A 220 -13.03 32.95 9.09
CA GLN A 220 -14.27 32.46 9.66
C GLN A 220 -14.64 33.14 10.99
N GLY A 221 -13.66 33.77 11.62
CA GLY A 221 -13.87 34.46 12.89
C GLY A 221 -14.73 35.70 12.74
N VAL A 222 -14.66 36.33 11.57
CA VAL A 222 -15.46 37.54 11.30
C VAL A 222 -16.95 37.20 11.18
N LYS A 223 -17.26 36.03 10.63
CA LYS A 223 -18.64 35.59 10.45
C LYS A 223 -19.29 35.03 11.71
N VAL A 224 -18.59 35.11 12.84
CA VAL A 224 -19.09 34.57 14.10
C VAL A 224 -20.19 35.43 14.74
N VAL A 225 -20.23 36.72 14.41
CA VAL A 225 -21.20 37.65 15.00
C VAL A 225 -22.55 37.52 14.30
N GLY A 226 -23.62 37.87 15.02
CA GLY A 226 -24.97 37.82 14.50
C GLY A 226 -25.78 36.71 15.15
N GLU A 227 -26.68 36.11 14.37
CA GLU A 227 -27.46 34.96 14.83
C GLU A 227 -26.60 33.72 14.97
N LEU A 228 -25.48 33.70 14.25
CA LEU A 228 -24.50 32.63 14.32
C LEU A 228 -23.73 32.67 15.63
N ALA A 229 -23.74 33.84 16.28
CA ALA A 229 -23.12 34.01 17.58
C ALA A 229 -23.82 33.15 18.62
N LYS A 230 -25.14 33.24 18.67
CA LYS A 230 -25.95 32.46 19.61
C LYS A 230 -25.68 30.96 19.45
N VAL A 231 -25.34 30.53 18.24
CA VAL A 231 -25.01 29.13 17.97
C VAL A 231 -23.68 28.75 18.60
N THR A 232 -22.61 29.46 18.24
CA THR A 232 -21.28 29.25 18.80
C THR A 232 -21.26 29.31 20.32
N ALA A 233 -22.09 30.18 20.90
CA ALA A 233 -22.22 30.31 22.35
C ALA A 233 -22.85 29.07 22.98
N ALA A 234 -23.95 28.61 22.39
CA ALA A 234 -24.63 27.40 22.88
C ALA A 234 -23.79 26.13 22.71
N VAL A 235 -22.89 26.11 21.73
CA VAL A 235 -21.97 24.98 21.55
C VAL A 235 -20.84 25.06 22.55
N TYR A 236 -20.14 26.19 22.58
CA TYR A 236 -18.99 26.36 23.45
C TYR A 236 -19.32 26.31 24.94
N VAL A 237 -20.36 27.04 25.35
CA VAL A 237 -20.83 27.01 26.74
C VAL A 237 -21.35 25.60 27.05
N GLY A 238 -21.82 24.90 26.03
CA GLY A 238 -22.15 23.49 26.13
C GLY A 238 -20.92 22.63 26.37
N LEU A 239 -19.86 22.86 25.59
CA LEU A 239 -18.59 22.12 25.70
C LEU A 239 -17.93 22.35 27.05
N THR A 240 -17.89 23.60 27.48
CA THR A 240 -17.37 23.98 28.79
C THR A 240 -18.17 23.30 29.89
N LEU A 241 -19.50 23.32 29.76
CA LEU A 241 -20.39 22.75 30.76
C LEU A 241 -20.35 21.21 30.76
N GLN A 242 -19.86 20.61 29.68
CA GLN A 242 -19.73 19.15 29.66
C GLN A 242 -18.42 18.68 30.29
N ILE A 243 -17.36 19.47 30.13
CA ILE A 243 -16.10 19.19 30.82
C ILE A 243 -16.29 19.35 32.33
N LEU A 244 -16.92 20.46 32.75
CA LEU A 244 -17.10 20.75 34.16
C LEU A 244 -18.25 19.98 34.84
N LEU A 245 -18.94 19.12 34.09
CA LEU A 245 -20.05 18.36 34.67
C LEU A 245 -20.04 16.85 34.40
N VAL A 246 -19.35 16.41 33.36
CA VAL A 246 -19.33 14.98 33.03
C VAL A 246 -17.92 14.38 33.04
N TYR A 247 -16.90 15.23 33.00
CA TYR A 247 -15.53 14.75 33.14
C TYR A 247 -15.05 14.98 34.56
N PHE A 248 -15.01 16.24 34.99
CA PHE A 248 -14.64 16.58 36.35
C PHE A 248 -15.44 15.81 37.39
N VAL A 249 -16.73 15.59 37.11
CA VAL A 249 -17.60 14.81 38.00
C VAL A 249 -17.37 13.29 37.85
N LEU A 250 -17.11 12.84 36.63
CA LEU A 250 -16.79 11.43 36.40
C LEU A 250 -15.35 11.07 36.80
N LEU A 251 -14.47 12.06 36.87
CA LEU A 251 -13.12 11.84 37.37
C LEU A 251 -13.15 11.78 38.90
N LYS A 252 -13.77 12.78 39.52
CA LYS A 252 -13.88 12.85 40.97
C LYS A 252 -14.47 11.57 41.55
N ILE A 253 -15.55 11.09 40.91
CA ILE A 253 -16.27 9.90 41.38
C ILE A 253 -15.46 8.62 41.21
N TYR A 254 -14.36 8.71 40.46
CA TYR A 254 -13.48 7.56 40.28
C TYR A 254 -12.10 7.73 40.92
N GLY A 255 -11.95 8.79 41.70
CA GLY A 255 -10.75 9.01 42.50
C GLY A 255 -9.53 9.43 41.71
N ILE A 256 -9.70 10.47 40.90
CA ILE A 256 -8.58 11.01 40.13
C ILE A 256 -8.72 12.54 40.04
N ASP A 257 -7.69 13.23 40.53
CA ASP A 257 -7.70 14.70 40.62
C ASP A 257 -7.99 15.35 39.27
N PRO A 258 -9.07 16.14 39.19
CA PRO A 258 -9.46 16.78 37.95
C PRO A 258 -8.50 17.89 37.52
N ILE A 259 -8.06 18.71 38.47
CA ILE A 259 -7.20 19.85 38.17
C ILE A 259 -5.83 19.40 37.67
N SER A 260 -5.35 18.26 38.19
CA SER A 260 -4.08 17.69 37.76
C SER A 260 -4.25 16.92 36.43
N PHE A 261 -5.46 16.42 36.18
CA PHE A 261 -5.79 15.75 34.93
C PHE A 261 -5.67 16.70 33.75
N ILE A 262 -6.19 17.92 33.92
CA ILE A 262 -6.16 18.94 32.86
C ILE A 262 -4.73 19.46 32.65
N LYS A 263 -3.97 19.54 33.74
CA LYS A 263 -2.57 19.95 33.68
C LYS A 263 -1.77 19.05 32.73
N LYS A 264 -1.90 17.73 32.92
CA LYS A 264 -1.11 16.76 32.16
C LYS A 264 -1.62 16.48 30.74
N ALA A 265 -2.92 16.67 30.52
CA ALA A 265 -3.53 16.41 29.22
C ALA A 265 -3.66 17.66 28.35
N LYS A 266 -3.04 18.75 28.80
CA LYS A 266 -3.13 20.05 28.14
C LYS A 266 -2.50 20.07 26.74
N ASP A 267 -1.35 19.41 26.62
CA ASP A 267 -0.65 19.31 25.34
C ASP A 267 -1.44 18.51 24.30
N ALA A 268 -2.18 17.51 24.76
CA ALA A 268 -3.05 16.72 23.90
C ALA A 268 -4.46 17.33 23.78
N MET A 269 -4.63 18.51 24.37
CA MET A 269 -5.89 19.22 24.34
C MET A 269 -5.78 20.46 23.45
N LEU A 270 -4.60 21.07 23.46
CA LEU A 270 -4.34 22.26 22.65
C LEU A 270 -3.90 21.94 21.23
N THR A 271 -3.40 20.73 21.00
CA THR A 271 -3.15 20.26 19.63
C THR A 271 -4.46 19.86 19.01
N ALA A 272 -5.30 19.18 19.78
CA ALA A 272 -6.63 18.77 19.35
C ALA A 272 -7.48 19.98 18.96
N PHE A 273 -7.28 21.08 19.67
CA PHE A 273 -8.02 22.31 19.44
C PHE A 273 -7.64 23.02 18.15
N VAL A 274 -6.35 23.03 17.81
CA VAL A 274 -5.88 23.78 16.64
C VAL A 274 -5.78 22.93 15.37
N THR A 275 -5.71 21.60 15.54
CA THR A 275 -5.63 20.67 14.41
C THR A 275 -7.01 20.33 13.88
N ARG A 276 -7.98 20.25 14.79
CA ARG A 276 -9.35 19.84 14.48
C ARG A 276 -9.44 18.39 14.06
N SER A 277 -8.40 17.61 14.39
CA SER A 277 -8.34 16.22 13.97
C SER A 277 -8.03 15.30 15.15
N SER A 278 -8.95 14.37 15.41
CA SER A 278 -8.83 13.46 16.53
C SER A 278 -7.66 12.51 16.35
N SER A 279 -7.64 11.83 15.20
CA SER A 279 -6.53 10.95 14.86
C SER A 279 -5.27 11.77 14.60
N GLY A 280 -5.45 12.98 14.08
CA GLY A 280 -4.33 13.88 13.79
C GLY A 280 -3.47 14.15 15.00
N THR A 281 -4.09 14.24 16.17
CA THR A 281 -3.36 14.55 17.41
C THR A 281 -3.09 13.32 18.28
N LEU A 282 -3.44 12.14 17.76
CA LEU A 282 -3.32 10.89 18.51
C LEU A 282 -1.91 10.56 19.02
N PRO A 283 -0.85 10.95 18.27
CA PRO A 283 0.48 10.78 18.84
C PRO A 283 0.68 11.57 20.13
N VAL A 284 0.17 12.80 20.19
CA VAL A 284 0.25 13.62 21.40
C VAL A 284 -0.73 13.12 22.46
N THR A 285 -1.91 12.71 22.03
CA THR A 285 -2.95 12.16 22.92
C THR A 285 -2.49 10.86 23.59
N MET A 286 -1.55 10.16 22.95
CA MET A 286 -0.96 8.94 23.50
C MET A 286 0.24 9.20 24.43
N ARG A 287 1.09 10.14 24.04
CA ARG A 287 2.28 10.49 24.83
C ARG A 287 1.85 11.11 26.15
N VAL A 288 0.76 11.88 26.12
CA VAL A 288 0.17 12.47 27.32
C VAL A 288 -0.41 11.41 28.26
N ALA A 289 -0.92 10.32 27.69
CA ALA A 289 -1.40 9.19 28.47
C ALA A 289 -0.24 8.41 29.09
N LYS A 290 0.86 8.31 28.35
CA LYS A 290 2.05 7.59 28.83
C LYS A 290 2.66 8.32 30.02
N GLU A 291 2.85 9.63 29.88
CA GLU A 291 3.36 10.48 30.96
C GLU A 291 2.41 10.49 32.17
N MET A 292 1.14 10.21 31.91
CA MET A 292 0.11 10.16 32.96
C MET A 292 0.29 8.96 33.87
N GLY A 293 1.00 7.94 33.37
CA GLY A 293 1.26 6.73 34.15
C GLY A 293 0.59 5.49 33.58
N ILE A 294 -0.49 5.69 32.84
CA ILE A 294 -1.32 4.61 32.29
C ILE A 294 -0.52 3.54 31.55
N SER A 295 -0.92 2.28 31.70
CA SER A 295 -0.24 1.14 31.09
C SER A 295 -0.50 1.05 29.58
N GLU A 296 0.56 0.80 28.81
CA GLU A 296 0.47 0.64 27.34
C GLU A 296 -0.64 -0.33 26.98
N GLY A 297 -0.82 -1.35 27.80
CA GLY A 297 -1.91 -2.30 27.65
C GLY A 297 -3.28 -1.67 27.45
N ILE A 298 -3.51 -0.54 28.13
CA ILE A 298 -4.80 0.14 28.07
C ILE A 298 -4.84 1.29 27.06
N TYR A 299 -3.96 2.28 27.20
CA TYR A 299 -4.06 3.48 26.39
C TYR A 299 -3.78 3.29 24.89
N SER A 300 -2.96 2.30 24.54
CA SER A 300 -2.67 1.98 23.13
C SER A 300 -3.86 1.32 22.44
N PHE A 301 -4.86 0.94 23.24
CA PHE A 301 -6.09 0.34 22.74
C PHE A 301 -7.30 1.26 22.89
N THR A 302 -7.37 2.00 23.99
CA THR A 302 -8.53 2.84 24.28
C THR A 302 -8.52 4.18 23.54
N LEU A 303 -7.34 4.74 23.34
CA LEU A 303 -7.21 6.04 22.67
C LEU A 303 -7.41 6.01 21.13
N PRO A 304 -6.86 4.98 20.44
CA PRO A 304 -7.13 4.90 19.00
C PRO A 304 -8.59 4.59 18.70
N LEU A 305 -9.21 3.77 19.55
CA LEU A 305 -10.62 3.46 19.41
C LEU A 305 -11.47 4.69 19.74
N GLY A 306 -11.02 5.47 20.71
CA GLY A 306 -11.71 6.70 21.11
C GLY A 306 -11.66 7.80 20.05
N ALA A 307 -10.57 7.80 19.27
CA ALA A 307 -10.42 8.74 18.16
C ALA A 307 -11.41 8.46 17.04
N THR A 308 -12.11 7.34 17.15
CA THR A 308 -13.03 6.88 16.11
C THR A 308 -14.48 6.87 16.57
N ILE A 309 -14.74 6.28 17.73
CA ILE A 309 -16.12 6.19 18.23
C ILE A 309 -16.50 7.37 19.15
N ASN A 310 -15.69 7.63 20.17
CA ASN A 310 -16.02 8.66 21.16
C ASN A 310 -15.89 10.08 20.63
N MET A 311 -17.00 10.60 20.11
CA MET A 311 -17.03 11.94 19.55
C MET A 311 -18.01 12.81 20.36
N ASP A 312 -17.71 12.97 21.65
CA ASP A 312 -18.56 13.71 22.57
C ASP A 312 -18.93 15.09 22.03
N GLY A 313 -17.93 15.97 21.94
CA GLY A 313 -18.13 17.33 21.46
C GLY A 313 -18.92 17.42 20.17
N THR A 314 -18.64 16.48 19.27
CA THR A 314 -19.35 16.41 18.00
C THR A 314 -20.83 16.20 18.24
N ALA A 315 -21.18 15.22 19.06
CA ALA A 315 -22.59 14.93 19.37
C ALA A 315 -23.26 16.04 20.19
N LEU A 316 -22.45 16.94 20.74
CA LEU A 316 -22.96 18.14 21.40
C LEU A 316 -23.23 19.22 20.36
N TYR A 317 -22.48 19.19 19.26
CA TYR A 317 -22.77 20.03 18.09
C TYR A 317 -24.04 19.54 17.40
N GLN A 318 -24.09 18.23 17.15
CA GLN A 318 -25.27 17.59 16.55
C GLN A 318 -26.54 17.84 17.35
N GLY A 319 -26.38 18.19 18.63
CA GLY A 319 -27.53 18.56 19.46
C GLY A 319 -28.03 19.94 19.10
N VAL A 320 -27.12 20.91 19.10
CA VAL A 320 -27.45 22.31 18.87
C VAL A 320 -27.52 22.65 17.38
N CYS A 321 -27.28 21.65 16.53
CA CYS A 321 -27.41 21.82 15.08
C CYS A 321 -28.79 21.36 14.63
N THR A 322 -29.23 20.22 15.17
CA THR A 322 -30.57 19.71 14.94
C THR A 322 -31.63 20.68 15.48
N PHE A 323 -31.19 21.59 16.35
CA PHE A 323 -32.09 22.62 16.88
C PHE A 323 -32.02 23.95 16.14
N PHE A 324 -30.84 24.28 15.60
CA PHE A 324 -30.71 25.50 14.80
C PHE A 324 -31.50 25.40 13.51
N ILE A 325 -31.41 24.23 12.87
CA ILE A 325 -32.15 23.95 11.64
C ILE A 325 -33.65 23.95 11.91
N ALA A 326 -34.07 23.28 12.98
CA ALA A 326 -35.49 23.23 13.33
C ALA A 326 -36.07 24.61 13.66
N ASN A 327 -35.26 25.48 14.24
CA ASN A 327 -35.69 26.84 14.57
C ASN A 327 -35.81 27.77 13.37
N ALA A 328 -34.97 27.56 12.36
CA ALA A 328 -34.95 28.40 11.16
C ALA A 328 -36.13 28.12 10.25
N LEU A 329 -36.66 26.91 10.32
CA LEU A 329 -37.85 26.53 9.57
C LEU A 329 -39.12 26.96 10.30
N GLY A 330 -39.05 27.00 11.63
CA GLY A 330 -40.19 27.41 12.46
C GLY A 330 -40.85 26.25 13.18
N SER A 331 -40.51 25.03 12.76
CA SER A 331 -41.05 23.81 13.35
C SER A 331 -40.32 23.50 14.65
N HIS A 332 -41.06 23.44 15.76
CA HIS A 332 -40.47 23.13 17.06
C HIS A 332 -40.66 21.65 17.44
N LEU A 333 -39.60 21.05 17.98
CA LEU A 333 -39.57 19.61 18.23
C LEU A 333 -40.16 19.29 19.59
N THR A 334 -40.95 18.21 19.65
CA THR A 334 -41.65 17.83 20.88
C THR A 334 -40.78 17.01 21.85
N VAL A 335 -41.32 16.79 23.06
CA VAL A 335 -40.64 16.07 24.15
C VAL A 335 -40.09 14.71 23.71
N GLY A 336 -40.91 13.93 23.00
CA GLY A 336 -40.52 12.61 22.54
C GLY A 336 -39.57 12.63 21.35
N GLN A 337 -39.63 13.70 20.57
CA GLN A 337 -38.74 13.88 19.42
C GLN A 337 -37.29 14.16 19.84
N GLN A 338 -37.13 14.97 20.87
CA GLN A 338 -35.80 15.32 21.37
C GLN A 338 -35.00 14.08 21.75
N LEU A 339 -35.70 13.07 22.29
CA LEU A 339 -35.10 11.78 22.64
C LEU A 339 -34.70 10.95 21.41
N THR A 340 -35.47 11.09 20.34
CA THR A 340 -35.19 10.33 19.11
C THR A 340 -33.95 10.87 18.39
N ILE A 341 -33.60 12.13 18.69
CA ILE A 341 -32.36 12.74 18.23
C ILE A 341 -31.18 12.13 18.99
N VAL A 342 -31.36 11.96 20.31
CA VAL A 342 -30.34 11.41 21.17
C VAL A 342 -29.97 9.99 20.73
N LEU A 343 -30.99 9.15 20.57
CA LEU A 343 -30.81 7.76 20.18
C LEU A 343 -29.96 7.59 18.91
N THR A 344 -30.39 8.25 17.83
CA THR A 344 -29.73 8.11 16.53
C THR A 344 -28.39 8.83 16.46
N ALA A 345 -28.16 9.80 17.35
CA ALA A 345 -26.88 10.48 17.45
C ALA A 345 -25.80 9.50 17.90
N VAL A 346 -26.14 8.71 18.91
CA VAL A 346 -25.24 7.69 19.48
C VAL A 346 -25.08 6.51 18.51
N LEU A 347 -26.19 6.09 17.90
CA LEU A 347 -26.18 4.99 16.95
C LEU A 347 -25.42 5.35 15.68
N ALA A 348 -25.43 6.64 15.34
CA ALA A 348 -24.68 7.14 14.18
C ALA A 348 -23.17 7.01 14.38
N SER A 349 -22.73 7.03 15.64
CA SER A 349 -21.31 6.85 15.99
C SER A 349 -20.77 5.46 15.66
N ILE A 350 -21.66 4.47 15.66
CA ILE A 350 -21.29 3.12 15.26
C ILE A 350 -21.70 2.88 13.81
N GLY A 351 -22.72 3.61 13.38
CA GLY A 351 -23.22 3.55 12.00
C GLY A 351 -22.21 4.08 11.01
N THR A 352 -21.36 5.00 11.46
CA THR A 352 -20.22 5.44 10.67
C THR A 352 -18.98 4.63 11.05
N ALA A 353 -18.65 4.61 12.35
CA ALA A 353 -17.45 3.95 12.88
C ALA A 353 -16.22 4.22 12.02
N GLY A 354 -15.69 3.17 11.37
CA GLY A 354 -14.49 3.29 10.53
C GLY A 354 -14.58 4.27 9.37
N VAL A 355 -15.78 4.38 8.79
CA VAL A 355 -16.04 5.13 7.56
C VAL A 355 -15.65 6.61 7.64
N PRO A 356 -14.88 7.08 6.63
CA PRO A 356 -14.53 8.51 6.47
C PRO A 356 -15.76 9.37 6.12
N GLY A 357 -15.66 10.68 6.38
CA GLY A 357 -16.77 11.61 6.17
C GLY A 357 -17.85 11.47 7.23
N ALA A 358 -17.47 10.83 8.34
CA ALA A 358 -18.35 10.52 9.46
C ALA A 358 -19.13 11.74 9.95
N GLY A 359 -18.41 12.71 10.52
CA GLY A 359 -18.99 13.94 11.07
C GLY A 359 -20.02 14.63 10.19
N ALA A 360 -20.05 14.25 8.91
CA ALA A 360 -21.03 14.74 7.95
C ALA A 360 -22.19 13.78 7.80
N ILE A 361 -21.90 12.53 7.42
CA ILE A 361 -22.93 11.51 7.20
C ILE A 361 -23.65 11.15 8.49
N MET A 362 -22.94 11.31 9.61
CA MET A 362 -23.47 11.15 10.94
C MET A 362 -24.61 12.15 11.13
N LEU A 363 -24.30 13.45 10.98
CA LEU A 363 -25.29 14.52 11.11
C LEU A 363 -26.45 14.36 10.13
N ALA A 364 -26.13 13.97 8.90
CA ALA A 364 -27.13 13.78 7.85
C ALA A 364 -28.22 12.83 8.31
N MET A 365 -27.84 11.69 8.89
CA MET A 365 -28.79 10.69 9.36
C MET A 365 -29.42 11.07 10.71
N VAL A 366 -28.81 12.01 11.42
CA VAL A 366 -29.40 12.53 12.65
C VAL A 366 -30.57 13.45 12.31
N LEU A 367 -30.37 14.31 11.31
CA LEU A 367 -31.41 15.23 10.87
C LEU A 367 -32.61 14.52 10.25
N GLU A 368 -32.33 13.49 9.45
CA GLU A 368 -33.36 12.72 8.75
C GLU A 368 -34.32 12.03 9.70
N SER A 369 -33.81 11.55 10.83
CA SER A 369 -34.57 10.73 11.77
C SER A 369 -35.59 11.54 12.59
N VAL A 370 -35.41 12.85 12.65
CA VAL A 370 -36.36 13.72 13.33
C VAL A 370 -37.38 14.31 12.36
N GLY A 371 -37.00 14.40 11.07
CA GLY A 371 -37.93 14.81 10.03
C GLY A 371 -37.53 16.04 9.24
N LEU A 372 -36.23 16.32 9.20
CA LEU A 372 -35.71 17.46 8.45
C LEU A 372 -34.57 17.04 7.51
N PRO A 373 -34.91 16.34 6.39
CA PRO A 373 -33.88 15.86 5.48
C PRO A 373 -33.01 16.98 4.91
N LEU A 374 -31.72 16.67 4.72
CA LEU A 374 -30.74 17.66 4.27
C LEU A 374 -30.92 18.05 2.79
N THR A 375 -31.70 17.25 2.06
CA THR A 375 -31.96 17.50 0.64
C THR A 375 -32.90 18.68 0.43
N ASP A 376 -33.80 18.88 1.40
CA ASP A 376 -34.78 19.97 1.40
C ASP A 376 -34.12 21.34 1.28
N PRO A 377 -34.39 22.07 0.19
CA PRO A 377 -33.80 23.40 -0.07
C PRO A 377 -34.01 24.39 1.07
N ASN A 378 -35.04 24.18 1.88
CA ASN A 378 -35.24 24.95 3.12
C ASN A 378 -34.16 24.64 4.14
N VAL A 379 -34.05 23.35 4.47
CA VAL A 379 -33.03 22.85 5.38
C VAL A 379 -31.64 23.23 4.87
N ALA A 380 -31.36 22.87 3.63
CA ALA A 380 -30.03 23.05 3.03
C ALA A 380 -29.53 24.50 3.11
N ALA A 381 -30.43 25.46 2.95
CA ALA A 381 -30.07 26.87 2.99
C ALA A 381 -29.73 27.33 4.40
N ALA A 382 -30.35 26.70 5.40
CA ALA A 382 -30.07 26.99 6.80
C ALA A 382 -28.77 26.33 7.26
N TYR A 383 -28.57 25.08 6.85
CA TYR A 383 -27.34 24.33 7.14
C TYR A 383 -26.13 24.95 6.45
N ALA A 384 -26.36 25.68 5.36
CA ALA A 384 -25.29 26.36 4.63
C ALA A 384 -24.77 27.57 5.40
N MET A 385 -25.56 28.04 6.36
CA MET A 385 -25.16 29.13 7.25
C MET A 385 -24.29 28.60 8.39
N ILE A 386 -24.73 27.50 9.00
CA ILE A 386 -23.97 26.79 10.03
C ILE A 386 -22.56 26.42 9.56
N LEU A 387 -22.45 25.98 8.30
CA LEU A 387 -21.15 25.65 7.72
C LEU A 387 -20.24 26.88 7.65
N GLY A 388 -20.85 28.07 7.60
CA GLY A 388 -20.12 29.33 7.54
C GLY A 388 -19.23 29.58 8.75
N ILE A 389 -19.45 28.82 9.81
CA ILE A 389 -18.61 28.87 11.01
C ILE A 389 -18.23 27.46 11.49
N ASP A 390 -18.02 26.55 10.55
CA ASP A 390 -17.84 25.12 10.88
C ASP A 390 -16.46 24.77 11.43
N ALA A 391 -15.45 25.54 11.05
CA ALA A 391 -14.10 25.37 11.62
C ALA A 391 -14.03 25.94 13.03
N ILE A 392 -14.74 27.04 13.28
CA ILE A 392 -14.82 27.66 14.60
C ILE A 392 -15.54 26.74 15.60
N LEU A 393 -16.45 25.91 15.10
CA LEU A 393 -17.12 24.91 15.92
C LEU A 393 -16.28 23.65 16.04
N ASP A 394 -15.65 23.24 14.94
CA ASP A 394 -14.81 22.04 14.89
C ASP A 394 -13.65 22.08 15.90
N MET A 395 -13.03 23.26 16.04
CA MET A 395 -11.93 23.44 16.99
C MET A 395 -12.32 23.02 18.41
N GLY A 396 -13.40 23.60 18.92
CA GLY A 396 -13.90 23.28 20.25
C GLY A 396 -14.44 21.87 20.39
N CYS A 397 -15.11 21.40 19.35
CA CYS A 397 -15.67 20.06 19.35
C CYS A 397 -14.60 18.99 19.36
N THR A 398 -13.49 19.23 18.66
CA THR A 398 -12.40 18.26 18.60
C THR A 398 -11.69 18.17 19.95
N MET A 399 -11.58 19.30 20.64
CA MET A 399 -10.99 19.35 21.97
C MET A 399 -11.73 18.41 22.91
N VAL A 400 -13.05 18.62 23.06
CA VAL A 400 -13.88 17.79 23.94
C VAL A 400 -13.98 16.36 23.41
N ASN A 401 -13.66 16.17 22.13
CA ASN A 401 -13.64 14.84 21.53
C ASN A 401 -12.50 13.97 22.06
N VAL A 402 -11.32 14.56 22.22
CA VAL A 402 -10.17 13.84 22.82
C VAL A 402 -10.10 13.92 24.34
N THR A 403 -10.66 14.98 24.92
CA THR A 403 -10.75 15.10 26.39
C THR A 403 -11.52 13.89 26.93
N GLY A 404 -12.62 13.54 26.27
CA GLY A 404 -13.38 12.34 26.58
C GLY A 404 -12.65 11.04 26.31
N ASP A 405 -11.67 11.08 25.40
CA ASP A 405 -10.86 9.92 25.06
C ASP A 405 -9.89 9.59 26.19
N LEU A 406 -9.29 10.62 26.78
CA LEU A 406 -8.36 10.46 27.90
C LEU A 406 -9.10 10.17 29.19
N THR A 407 -10.16 10.94 29.43
CA THR A 407 -11.01 10.76 30.62
C THR A 407 -11.46 9.32 30.77
N GLY A 408 -11.89 8.72 29.67
CA GLY A 408 -12.28 7.30 29.67
C GLY A 408 -11.11 6.38 29.94
N THR A 409 -9.99 6.66 29.27
CA THR A 409 -8.76 5.89 29.41
C THR A 409 -8.23 5.94 30.84
N ALA A 410 -8.46 7.06 31.52
CA ALA A 410 -8.09 7.22 32.92
C ALA A 410 -9.01 6.41 33.84
N ILE A 411 -10.32 6.51 33.61
CA ILE A 411 -11.31 5.81 34.42
C ILE A 411 -11.18 4.29 34.34
N VAL A 412 -10.85 3.78 33.15
CA VAL A 412 -10.64 2.35 32.95
C VAL A 412 -9.38 1.85 33.68
N ALA A 413 -8.31 2.63 33.58
CA ALA A 413 -7.04 2.30 34.25
C ALA A 413 -7.15 2.36 35.77
N LYS A 414 -8.11 3.15 36.26
CA LYS A 414 -8.43 3.22 37.69
C LYS A 414 -9.17 1.98 38.16
N THR A 415 -9.92 1.37 37.24
CA THR A 415 -10.59 0.10 37.51
C THR A 415 -9.63 -1.01 37.08
N GLU A 416 -8.50 -1.08 37.77
CA GLU A 416 -7.41 -2.02 37.45
C GLU A 416 -6.36 -2.08 38.57
N GLY A 417 -5.24 -1.35 38.39
CA GLY A 417 -4.14 -1.32 39.36
C GLY A 417 -3.17 -0.16 39.14
N GLU B 9 34.07 -17.14 -15.18
CA GLU B 9 33.00 -16.10 -15.15
C GLU B 9 33.51 -14.70 -15.51
N TYR B 10 34.70 -14.36 -15.00
CA TYR B 10 35.30 -13.01 -15.09
C TYR B 10 34.30 -11.83 -14.83
N PRO B 11 34.58 -10.61 -15.34
CA PRO B 11 33.69 -9.45 -15.32
C PRO B 11 32.18 -9.76 -15.43
N VAL B 12 31.27 -8.94 -14.88
CA VAL B 12 31.43 -7.57 -14.32
C VAL B 12 31.71 -6.48 -15.38
N LEU B 13 32.73 -5.64 -15.19
CA LEU B 13 32.99 -4.46 -16.03
C LEU B 13 33.13 -4.72 -17.54
N GLN B 14 33.82 -5.79 -17.90
CA GLN B 14 34.08 -6.12 -19.31
C GLN B 14 32.91 -6.83 -20.00
N LYS B 15 32.37 -7.87 -19.37
CA LYS B 15 31.27 -8.67 -19.94
C LYS B 15 30.03 -7.82 -20.26
N ILE B 16 29.79 -6.80 -19.42
CA ILE B 16 28.74 -5.82 -19.68
C ILE B 16 29.06 -5.02 -20.95
N LEU B 17 30.30 -4.55 -21.05
CA LEU B 17 30.77 -3.80 -22.22
C LEU B 17 30.79 -4.65 -23.49
N ILE B 18 30.80 -5.96 -23.33
CA ILE B 18 30.67 -6.90 -24.46
C ILE B 18 29.23 -6.85 -25.00
N GLY B 19 28.26 -6.94 -24.09
CA GLY B 19 26.84 -6.87 -24.44
C GLY B 19 26.42 -5.52 -24.99
N LEU B 20 27.13 -4.46 -24.57
CA LEU B 20 26.87 -3.10 -25.03
C LEU B 20 27.26 -2.87 -26.49
N ILE B 21 28.46 -3.31 -26.86
CA ILE B 21 28.97 -3.14 -28.22
C ILE B 21 28.31 -4.12 -29.20
N LEU B 22 28.18 -5.37 -28.78
CA LEU B 22 27.55 -6.42 -29.60
C LEU B 22 26.06 -6.16 -29.78
N GLY B 23 25.41 -5.61 -28.76
CA GLY B 23 23.99 -5.25 -28.82
C GLY B 23 23.71 -4.08 -29.73
N ALA B 24 24.64 -3.13 -29.79
CA ALA B 24 24.51 -1.92 -30.60
C ALA B 24 24.59 -2.25 -32.09
N ILE B 25 25.50 -3.15 -32.44
CA ILE B 25 25.70 -3.58 -33.83
C ILE B 25 24.56 -4.49 -34.30
N VAL B 26 24.18 -5.46 -33.47
CA VAL B 26 23.07 -6.35 -33.77
C VAL B 26 21.72 -5.60 -33.69
N GLY B 27 21.71 -4.50 -32.95
CA GLY B 27 20.53 -3.65 -32.86
C GLY B 27 20.37 -2.83 -34.12
N LEU B 28 21.36 -2.00 -34.41
CA LEU B 28 21.35 -1.13 -35.59
C LEU B 28 21.11 -1.88 -36.90
N ILE B 29 21.68 -3.06 -37.04
CA ILE B 29 21.58 -3.86 -38.27
C ILE B 29 20.22 -4.57 -38.41
N LEU B 30 19.78 -5.25 -37.36
CA LEU B 30 18.53 -6.01 -37.38
C LEU B 30 17.30 -5.10 -37.51
N GLY B 31 17.41 -3.90 -36.95
CA GLY B 31 16.33 -2.90 -37.00
C GLY B 31 16.24 -2.16 -38.32
N HIS B 32 17.39 -1.97 -38.97
CA HIS B 32 17.48 -1.30 -40.28
C HIS B 32 16.92 -2.20 -41.39
N TYR B 33 16.91 -3.51 -41.15
CA TYR B 33 16.37 -4.47 -42.10
C TYR B 33 14.86 -4.70 -41.93
N GLY B 34 14.22 -3.78 -41.22
CA GLY B 34 12.77 -3.79 -41.06
C GLY B 34 12.26 -4.46 -39.80
N TYR B 35 13.02 -5.43 -39.29
CA TYR B 35 12.57 -6.23 -38.15
C TYR B 35 12.77 -5.57 -36.79
N ALA B 36 12.35 -4.31 -36.69
CA ALA B 36 12.36 -3.57 -35.43
C ALA B 36 11.28 -4.10 -34.49
N ASP B 37 10.18 -4.58 -35.07
CA ASP B 37 9.08 -5.21 -34.32
C ASP B 37 9.48 -6.57 -33.76
N ALA B 38 10.38 -7.26 -34.46
CA ALA B 38 10.89 -8.56 -34.01
C ALA B 38 11.86 -8.41 -32.84
N VAL B 39 12.36 -7.18 -32.63
CA VAL B 39 13.22 -6.86 -31.50
C VAL B 39 12.36 -6.37 -30.32
N LYS B 40 11.22 -5.77 -30.65
CA LYS B 40 10.26 -5.26 -29.66
C LYS B 40 9.74 -6.38 -28.74
N THR B 41 9.39 -7.51 -29.36
CA THR B 41 9.13 -8.74 -28.64
C THR B 41 10.36 -9.66 -28.78
N TYR B 42 10.44 -10.71 -27.95
CA TYR B 42 11.58 -11.64 -27.90
C TYR B 42 12.83 -11.06 -27.21
N VAL B 43 13.43 -10.03 -27.82
CA VAL B 43 14.69 -9.48 -27.32
C VAL B 43 14.51 -8.58 -26.10
N LYS B 44 13.62 -7.58 -26.22
CA LYS B 44 13.36 -6.63 -25.14
C LYS B 44 12.90 -7.26 -23.81
N PRO B 45 12.04 -8.30 -23.86
CA PRO B 45 11.63 -9.02 -22.65
C PRO B 45 12.77 -9.33 -21.65
N PHE B 46 13.98 -9.57 -22.17
CA PHE B 46 15.13 -9.87 -21.32
C PHE B 46 15.77 -8.61 -20.75
N GLY B 47 15.53 -7.48 -21.41
CA GLY B 47 15.99 -6.18 -20.94
C GLY B 47 15.16 -5.65 -19.78
N ASP B 48 13.84 -5.80 -19.90
CA ASP B 48 12.89 -5.39 -18.85
C ASP B 48 13.13 -6.15 -17.54
N LEU B 49 13.35 -7.46 -17.66
CA LEU B 49 13.64 -8.32 -16.52
C LEU B 49 14.75 -7.73 -15.66
N PHE B 50 15.79 -7.25 -16.32
CA PHE B 50 16.93 -6.60 -15.65
C PHE B 50 16.53 -5.30 -14.94
N VAL B 51 15.69 -4.50 -15.60
CA VAL B 51 15.20 -3.23 -15.04
C VAL B 51 14.34 -3.48 -13.80
N ARG B 52 13.37 -4.38 -13.93
CA ARG B 52 12.46 -4.75 -12.85
C ARG B 52 13.19 -5.32 -11.64
N LEU B 53 14.22 -6.14 -11.90
CA LEU B 53 15.04 -6.72 -10.85
C LEU B 53 15.81 -5.66 -10.08
N LEU B 54 16.28 -4.64 -10.79
CA LEU B 54 16.97 -3.51 -10.16
C LEU B 54 16.01 -2.65 -9.36
N LYS B 55 14.86 -2.34 -9.95
CA LYS B 55 13.84 -1.50 -9.31
C LYS B 55 13.20 -2.21 -8.11
N MET B 56 13.23 -3.55 -8.14
CA MET B 56 12.80 -4.39 -7.02
C MET B 56 13.56 -4.03 -5.74
N LEU B 57 14.83 -3.69 -5.90
CA LEU B 57 15.70 -3.39 -4.77
C LEU B 57 15.54 -1.94 -4.29
N VAL B 58 15.21 -1.04 -5.21
CA VAL B 58 15.30 0.40 -4.97
C VAL B 58 14.57 0.91 -3.72
N MET B 59 13.44 0.32 -3.40
CA MET B 59 12.68 0.79 -2.25
C MET B 59 13.26 0.38 -0.89
N PRO B 60 13.39 -0.94 -0.63
CA PRO B 60 13.98 -1.34 0.64
C PRO B 60 15.41 -0.82 0.83
N ILE B 61 16.24 -0.89 -0.21
CA ILE B 61 17.63 -0.45 -0.13
C ILE B 61 17.77 1.05 0.19
N VAL B 62 16.81 1.87 -0.26
CA VAL B 62 16.82 3.31 0.03
C VAL B 62 16.38 3.58 1.46
N PHE B 63 15.31 2.91 1.89
CA PHE B 63 14.81 3.08 3.24
C PHE B 63 15.78 2.54 4.28
N ALA B 64 16.06 1.24 4.19
CA ALA B 64 16.87 0.54 5.18
C ALA B 64 18.27 1.11 5.39
N SER B 65 18.92 1.49 4.28
CA SER B 65 20.28 2.01 4.34
C SER B 65 20.35 3.47 4.80
N LEU B 66 19.23 4.19 4.74
CA LEU B 66 19.18 5.57 5.23
C LEU B 66 18.77 5.68 6.71
N VAL B 67 18.14 4.64 7.23
CA VAL B 67 17.85 4.57 8.66
C VAL B 67 19.14 4.36 9.45
N VAL B 68 19.99 3.46 8.94
CA VAL B 68 21.32 3.21 9.53
C VAL B 68 22.35 4.24 9.06
N GLY B 69 21.96 5.05 8.08
CA GLY B 69 22.76 6.18 7.61
C GLY B 69 22.35 7.47 8.30
N ALA B 70 21.56 7.33 9.36
CA ALA B 70 21.22 8.46 10.21
C ALA B 70 21.58 8.09 11.64
N ALA B 71 21.64 6.78 11.90
CA ALA B 71 22.21 6.25 13.13
C ALA B 71 23.71 6.51 13.13
N SER B 72 24.29 6.49 11.93
CA SER B 72 25.73 6.68 11.73
C SER B 72 26.21 8.10 12.03
N ILE B 73 25.53 9.09 11.45
CA ILE B 73 26.00 10.47 11.40
C ILE B 73 25.29 11.41 12.40
N SER B 74 26.01 12.46 12.82
CA SER B 74 25.47 13.48 13.74
C SER B 74 24.37 14.32 13.07
N PRO B 75 23.30 14.65 13.82
CA PRO B 75 22.11 15.38 13.31
C PRO B 75 22.42 16.74 12.66
N ALA B 76 23.48 17.41 13.10
CA ALA B 76 23.91 18.68 12.50
C ALA B 76 24.84 18.46 11.31
N ARG B 77 25.52 17.32 11.31
CA ARG B 77 26.45 16.92 10.26
C ARG B 77 25.69 16.52 8.99
N LEU B 78 24.52 15.91 9.20
CA LEU B 78 23.64 15.45 8.12
C LEU B 78 22.93 16.62 7.43
N GLY B 79 22.53 17.61 8.22
CA GLY B 79 21.94 18.84 7.70
C GLY B 79 22.95 19.71 6.98
N ARG B 80 24.22 19.61 7.39
CA ARG B 80 25.32 20.29 6.73
C ARG B 80 25.56 19.65 5.35
N VAL B 81 25.63 18.33 5.33
CA VAL B 81 25.76 17.57 4.09
C VAL B 81 24.63 17.93 3.13
N GLY B 82 23.41 18.04 3.66
CA GLY B 82 22.24 18.46 2.90
C GLY B 82 22.43 19.81 2.23
N VAL B 83 22.80 20.82 3.03
CA VAL B 83 22.99 22.19 2.54
C VAL B 83 24.09 22.25 1.48
N LYS B 84 25.07 21.36 1.59
CA LYS B 84 26.16 21.29 0.62
C LYS B 84 25.80 20.55 -0.67
N ILE B 85 25.10 19.42 -0.55
CA ILE B 85 24.71 18.63 -1.72
C ILE B 85 23.65 19.33 -2.59
N VAL B 86 22.77 20.10 -1.95
CA VAL B 86 21.74 20.87 -2.64
C VAL B 86 22.35 22.02 -3.44
N VAL B 87 23.27 22.75 -2.82
CA VAL B 87 23.98 23.85 -3.49
C VAL B 87 24.87 23.33 -4.62
N TYR B 88 25.35 22.10 -4.47
CA TYR B 88 26.05 21.42 -5.55
C TYR B 88 25.09 21.11 -6.71
N TYR B 89 23.95 20.47 -6.40
CA TYR B 89 23.01 20.01 -7.41
C TYR B 89 22.48 21.12 -8.33
N LEU B 90 22.17 22.28 -7.73
CA LEU B 90 21.60 23.41 -8.45
C LEU B 90 22.60 24.09 -9.39
N LEU B 91 23.86 24.17 -8.97
CA LEU B 91 24.90 24.77 -9.80
C LEU B 91 25.36 23.86 -10.95
N THR B 92 25.26 22.55 -10.76
CA THR B 92 25.60 21.59 -11.82
C THR B 92 24.47 21.45 -12.84
N SER B 93 23.24 21.62 -12.37
CA SER B 93 22.06 21.64 -13.26
C SER B 93 22.01 22.95 -14.04
N ALA B 94 22.47 24.04 -13.42
CA ALA B 94 22.57 25.34 -14.09
C ALA B 94 23.73 25.36 -15.10
N PHE B 95 24.78 24.61 -14.80
CA PHE B 95 25.91 24.44 -15.72
C PHE B 95 25.56 23.57 -16.93
N ALA B 96 24.62 22.66 -16.73
CA ALA B 96 24.19 21.73 -17.78
C ALA B 96 23.36 22.42 -18.85
N VAL B 97 22.43 23.29 -18.43
CA VAL B 97 21.59 24.05 -19.35
C VAL B 97 22.38 25.18 -20.03
N THR B 98 23.33 25.77 -19.32
CA THR B 98 24.23 26.78 -19.88
C THR B 98 25.09 26.15 -20.97
N LEU B 99 25.57 24.93 -20.71
CA LEU B 99 26.35 24.17 -21.68
C LEU B 99 25.46 23.65 -22.81
N GLY B 100 24.20 23.37 -22.50
CA GLY B 100 23.21 22.93 -23.47
C GLY B 100 22.90 23.99 -24.51
N ILE B 101 22.84 25.23 -24.05
CA ILE B 101 22.63 26.38 -24.92
C ILE B 101 23.87 26.64 -25.79
N ILE B 102 25.05 26.60 -25.16
CA ILE B 102 26.31 26.91 -25.83
C ILE B 102 26.73 25.83 -26.83
N MET B 103 26.22 24.61 -26.64
CA MET B 103 26.39 23.53 -27.60
C MET B 103 25.38 23.67 -28.74
N ALA B 104 24.24 24.27 -28.42
CA ALA B 104 23.16 24.51 -29.39
C ALA B 104 23.38 25.79 -30.20
N ARG B 105 24.46 26.49 -29.92
CA ARG B 105 24.87 27.65 -30.71
C ARG B 105 26.10 27.30 -31.55
N LEU B 106 26.86 26.30 -31.09
CA LEU B 106 27.97 25.75 -31.84
C LEU B 106 27.42 24.88 -32.98
N PHE B 107 26.52 23.96 -32.62
CA PHE B 107 25.78 23.17 -33.60
C PHE B 107 24.41 23.82 -33.84
N ASN B 108 23.94 23.78 -35.07
CA ASN B 108 22.60 24.27 -35.39
C ASN B 108 21.63 23.13 -35.69
N PRO B 109 20.71 22.84 -34.75
CA PRO B 109 19.72 21.79 -34.91
C PRO B 109 18.42 22.30 -35.56
N GLY B 110 18.25 22.01 -36.84
CA GLY B 110 17.05 22.39 -37.59
C GLY B 110 16.97 23.87 -37.96
N ALA B 111 18.10 24.43 -38.37
CA ALA B 111 18.21 25.85 -38.71
C ALA B 111 17.54 26.21 -40.05
N GLY B 112 17.65 25.31 -41.03
CA GLY B 112 17.01 25.50 -42.33
C GLY B 112 15.97 24.43 -42.63
N ILE B 113 15.09 24.19 -41.65
CA ILE B 113 14.04 23.18 -41.76
C ILE B 113 12.66 23.73 -41.40
N HIS B 114 11.73 23.62 -42.34
CA HIS B 114 10.33 23.97 -42.12
C HIS B 114 9.52 22.69 -41.96
N LEU B 115 8.90 22.54 -40.78
CA LEU B 115 8.30 21.27 -40.36
C LEU B 115 6.91 21.04 -40.92
N ALA B 116 6.58 19.76 -41.14
CA ALA B 116 5.24 19.34 -41.55
C ALA B 116 4.30 19.40 -40.34
N VAL B 117 3.37 20.35 -40.37
CA VAL B 117 2.49 20.62 -39.24
C VAL B 117 1.19 19.82 -39.33
N GLY B 118 0.77 19.27 -38.19
CA GLY B 118 -0.48 18.50 -38.11
C GLY B 118 -0.28 17.04 -37.75
N GLY B 119 0.90 16.72 -37.21
CA GLY B 119 1.22 15.36 -36.80
C GLY B 119 0.63 15.03 -35.44
N GLN B 120 1.48 14.69 -34.49
CA GLN B 120 1.06 14.41 -33.12
C GLN B 120 0.78 15.71 -32.37
N GLN B 121 -0.31 15.71 -31.61
CA GLN B 121 -0.68 16.86 -30.81
C GLN B 121 -0.44 16.60 -29.33
N PHE B 122 0.06 17.60 -28.62
CA PHE B 122 0.45 17.44 -27.22
C PHE B 122 -0.27 18.40 -26.27
N GLN B 123 -0.52 17.91 -25.06
CA GLN B 123 -1.12 18.68 -23.98
C GLN B 123 -0.24 18.60 -22.72
N PRO B 124 0.26 19.74 -22.24
CA PRO B 124 1.19 19.74 -21.10
C PRO B 124 0.46 19.57 -19.76
N LYS B 125 0.90 18.61 -18.95
CA LYS B 125 0.31 18.38 -17.64
C LYS B 125 0.64 19.51 -16.66
N GLN B 126 -0.31 19.82 -15.79
CA GLN B 126 -0.18 20.94 -14.85
C GLN B 126 0.84 20.65 -13.73
N ALA B 127 1.74 21.60 -13.50
CA ALA B 127 2.71 21.50 -12.41
C ALA B 127 2.06 21.86 -11.07
N PRO B 128 2.11 20.92 -10.09
CA PRO B 128 1.48 21.12 -8.79
C PRO B 128 2.04 22.33 -8.05
N PRO B 129 1.17 23.10 -7.35
CA PRO B 129 1.60 24.27 -6.56
C PRO B 129 2.80 23.94 -5.67
N LEU B 130 3.81 24.82 -5.68
CA LEU B 130 5.09 24.57 -4.98
C LEU B 130 4.91 24.20 -3.52
N VAL B 131 4.00 24.91 -2.86
CA VAL B 131 3.60 24.61 -1.49
C VAL B 131 3.25 23.12 -1.34
N LYS B 132 2.34 22.63 -2.17
CA LYS B 132 1.87 21.24 -2.10
C LYS B 132 2.86 20.22 -2.68
N ILE B 133 4.07 20.65 -3.01
CA ILE B 133 5.16 19.73 -3.32
C ILE B 133 6.02 19.62 -2.07
N LEU B 134 6.44 20.78 -1.56
CA LEU B 134 7.28 20.87 -0.38
C LEU B 134 6.64 20.18 0.82
N LEU B 135 5.35 20.48 1.06
CA LEU B 135 4.60 19.86 2.15
C LEU B 135 4.43 18.36 1.93
N ASP B 136 4.35 17.95 0.67
CA ASP B 136 4.15 16.56 0.32
C ASP B 136 5.36 15.65 0.60
N ILE B 137 6.50 16.25 0.96
CA ILE B 137 7.68 15.48 1.35
C ILE B 137 7.45 14.80 2.70
N VAL B 138 6.76 15.49 3.61
CA VAL B 138 6.40 14.94 4.92
C VAL B 138 5.19 14.01 4.75
N PRO B 139 5.44 12.70 4.61
CA PRO B 139 4.36 11.79 4.25
C PRO B 139 3.40 11.60 5.42
N THR B 140 2.12 11.45 5.10
CA THR B 140 1.07 11.28 6.09
C THR B 140 1.06 9.84 6.64
N ASN B 141 1.45 8.89 5.80
CA ASN B 141 1.52 7.49 6.18
C ASN B 141 2.83 6.90 5.67
N PRO B 142 3.79 6.67 6.57
CA PRO B 142 5.10 6.14 6.23
C PRO B 142 5.01 4.82 5.50
N PHE B 143 4.06 3.97 5.91
CA PHE B 143 3.81 2.71 5.22
C PHE B 143 3.26 2.99 3.83
N GLY B 144 2.44 4.03 3.70
CA GLY B 144 1.93 4.47 2.42
C GLY B 144 3.05 4.78 1.46
N ALA B 145 3.89 5.73 1.85
CA ALA B 145 5.05 6.15 1.05
C ALA B 145 5.85 4.95 0.55
N LEU B 146 6.27 4.10 1.49
CA LEU B 146 6.97 2.87 1.16
C LEU B 146 6.22 2.02 0.14
N ALA B 147 4.93 1.77 0.42
CA ALA B 147 4.11 0.85 -0.35
C ALA B 147 4.05 1.18 -1.84
N ASN B 148 4.14 2.47 -2.19
CA ASN B 148 4.10 2.86 -3.59
C ASN B 148 5.09 3.97 -3.98
N GLY B 149 6.27 3.56 -4.46
CA GLY B 149 7.30 4.49 -4.91
C GLY B 149 7.65 5.50 -3.84
N GLN B 150 7.31 6.77 -4.10
CA GLN B 150 7.49 7.87 -3.15
C GLN B 150 8.91 7.89 -2.57
N VAL B 151 9.89 8.19 -3.40
CA VAL B 151 11.29 8.22 -2.96
C VAL B 151 11.55 9.33 -1.94
N LEU B 152 11.08 10.53 -2.24
CA LEU B 152 11.29 11.71 -1.38
C LEU B 152 10.60 11.69 -0.01
N PRO B 153 9.33 11.23 0.07
CA PRO B 153 8.73 11.04 1.39
C PRO B 153 9.46 10.00 2.24
N THR B 154 9.91 8.92 1.61
CA THR B 154 10.66 7.86 2.29
C THR B 154 11.98 8.38 2.84
N ILE B 155 12.60 9.31 2.12
CA ILE B 155 13.83 9.95 2.58
C ILE B 155 13.58 10.70 3.90
N PHE B 156 12.48 11.45 3.96
CA PHE B 156 12.17 12.24 5.15
C PHE B 156 11.91 11.39 6.38
N PHE B 157 11.13 10.32 6.21
CA PHE B 157 10.80 9.43 7.33
C PHE B 157 11.98 8.60 7.82
N ALA B 158 12.87 8.21 6.90
CA ALA B 158 14.04 7.42 7.25
C ALA B 158 15.02 8.20 8.13
N ILE B 159 15.24 9.47 7.80
CA ILE B 159 16.11 10.35 8.57
C ILE B 159 15.50 10.69 9.93
N ILE B 160 14.17 10.89 9.95
CA ILE B 160 13.46 11.17 11.20
C ILE B 160 13.43 9.97 12.14
N LEU B 161 13.38 8.76 11.57
CA LEU B 161 13.48 7.54 12.36
C LEU B 161 14.93 7.29 12.78
N GLY B 162 15.85 7.57 11.87
CA GLY B 162 17.28 7.37 12.12
C GLY B 162 17.86 8.29 13.20
N ILE B 163 17.34 9.51 13.27
CA ILE B 163 17.74 10.47 14.31
C ILE B 163 17.11 10.13 15.67
N ALA B 164 15.89 9.61 15.64
CA ALA B 164 15.20 9.18 16.85
C ALA B 164 15.80 7.90 17.44
N ILE B 165 16.05 6.93 16.56
CA ILE B 165 16.61 5.63 16.97
C ILE B 165 18.02 5.78 17.54
N THR B 166 18.70 6.86 17.15
CA THR B 166 20.04 7.15 17.63
C THR B 166 19.98 7.84 18.99
N TYR B 167 18.91 8.62 19.22
CA TYR B 167 18.63 9.24 20.50
C TYR B 167 18.19 8.20 21.51
N LEU B 168 17.43 7.23 21.01
CA LEU B 168 16.85 6.16 21.82
C LEU B 168 17.93 5.23 22.36
N MET B 169 18.98 5.03 21.57
CA MET B 169 20.08 4.12 21.93
C MET B 169 20.83 4.55 23.18
N ASN B 170 21.45 5.73 23.14
CA ASN B 170 22.24 6.25 24.26
C ASN B 170 21.43 6.91 25.37
N SER B 171 20.23 6.39 25.61
CA SER B 171 19.40 6.76 26.74
C SER B 171 19.85 5.95 27.97
N GLU B 172 19.60 6.49 29.15
CA GLU B 172 20.05 5.89 30.41
C GLU B 172 19.37 4.56 30.76
N ASN B 173 18.25 4.29 30.10
CA ASN B 173 17.52 3.04 30.31
C ASN B 173 18.04 1.94 29.39
N GLU B 174 18.43 0.80 29.98
CA GLU B 174 18.97 -0.33 29.22
C GLU B 174 17.93 -1.43 29.01
N LYS B 175 16.65 -1.04 29.06
CA LYS B 175 15.53 -1.84 28.57
C LYS B 175 15.06 -1.25 27.25
N VAL B 176 15.22 0.06 27.12
CA VAL B 176 14.83 0.78 25.91
C VAL B 176 16.01 0.84 24.93
N ARG B 177 17.22 0.65 25.44
CA ARG B 177 18.42 0.61 24.63
C ARG B 177 18.47 -0.65 23.75
N LYS B 178 18.02 -1.78 24.32
CA LYS B 178 17.97 -3.06 23.59
C LYS B 178 16.92 -3.05 22.46
N SER B 179 15.81 -2.37 22.71
CA SER B 179 14.75 -2.21 21.71
C SER B 179 15.31 -1.46 20.51
N ALA B 180 15.93 -0.32 20.78
CA ALA B 180 16.49 0.55 19.75
C ALA B 180 17.51 -0.18 18.88
N GLU B 181 18.27 -1.10 19.49
CA GLU B 181 19.34 -1.81 18.78
C GLU B 181 18.83 -2.95 17.91
N THR B 182 17.91 -3.74 18.43
CA THR B 182 17.28 -4.83 17.66
C THR B 182 16.70 -4.30 16.35
N LEU B 183 15.95 -3.21 16.44
CA LEU B 183 15.34 -2.56 15.28
C LEU B 183 16.41 -2.04 14.31
N LEU B 184 17.42 -1.36 14.84
CA LEU B 184 18.48 -0.78 14.02
C LEU B 184 19.28 -1.85 13.29
N ASP B 185 19.52 -2.96 13.96
CA ASP B 185 20.27 -4.08 13.38
C ASP B 185 19.45 -4.81 12.31
N ALA B 186 18.19 -5.09 12.61
CA ALA B 186 17.30 -5.77 11.66
C ALA B 186 17.14 -4.95 10.38
N ILE B 187 16.99 -3.63 10.53
CA ILE B 187 16.90 -2.71 9.40
C ILE B 187 18.21 -2.73 8.61
N ASN B 188 19.34 -2.66 9.32
CA ASN B 188 20.65 -2.82 8.68
C ASN B 188 20.73 -4.14 7.95
N GLY B 189 20.18 -5.19 8.58
CA GLY B 189 20.11 -6.52 7.99
C GLY B 189 19.40 -6.53 6.65
N LEU B 190 18.33 -5.76 6.54
CA LEU B 190 17.60 -5.59 5.28
C LEU B 190 18.48 -4.86 4.25
N ALA B 191 19.13 -3.79 4.70
CA ALA B 191 20.03 -3.00 3.86
C ALA B 191 21.20 -3.83 3.33
N GLU B 192 21.88 -4.53 4.22
CA GLU B 192 23.03 -5.37 3.87
C GLU B 192 22.62 -6.52 2.94
N ALA B 193 21.39 -7.00 3.11
CA ALA B 193 20.84 -8.05 2.25
C ALA B 193 20.54 -7.54 0.83
N MET B 194 20.10 -6.29 0.73
CA MET B 194 19.79 -5.68 -0.57
C MET B 194 21.04 -5.46 -1.42
N TYR B 195 22.10 -4.94 -0.81
CA TYR B 195 23.41 -4.78 -1.48
C TYR B 195 23.95 -6.11 -1.98
N LYS B 196 23.63 -7.18 -1.24
CA LYS B 196 24.03 -8.54 -1.62
C LYS B 196 23.26 -9.04 -2.85
N ILE B 197 22.00 -8.65 -2.97
CA ILE B 197 21.20 -8.99 -4.16
C ILE B 197 21.66 -8.17 -5.36
N VAL B 198 22.12 -6.95 -5.12
CA VAL B 198 22.63 -6.06 -6.17
C VAL B 198 23.70 -6.78 -7.01
N ASN B 199 24.65 -7.40 -6.31
CA ASN B 199 25.72 -8.17 -6.95
C ASN B 199 25.18 -9.34 -7.80
N GLY B 200 24.12 -9.98 -7.32
CA GLY B 200 23.48 -11.09 -8.02
C GLY B 200 22.76 -10.65 -9.29
N VAL B 201 22.00 -9.56 -9.19
CA VAL B 201 21.33 -8.94 -10.33
C VAL B 201 22.37 -8.43 -11.33
N MET B 202 23.47 -7.90 -10.80
CA MET B 202 24.59 -7.44 -11.61
C MET B 202 25.20 -8.53 -12.49
N GLN B 203 25.01 -9.79 -12.10
CA GLN B 203 25.49 -10.93 -12.88
C GLN B 203 24.66 -11.11 -14.14
N TYR B 204 23.38 -10.70 -14.07
CA TYR B 204 22.47 -10.77 -15.22
C TYR B 204 22.60 -9.55 -16.14
N ALA B 205 23.30 -8.52 -15.66
CA ALA B 205 23.46 -7.26 -16.39
C ALA B 205 23.83 -7.38 -17.89
N PRO B 206 24.84 -8.21 -18.24
CA PRO B 206 25.25 -8.33 -19.65
C PRO B 206 24.13 -8.76 -20.62
N ILE B 207 23.19 -9.58 -20.15
CA ILE B 207 22.03 -9.98 -20.96
C ILE B 207 21.03 -8.83 -21.06
N GLY B 208 20.88 -8.09 -19.96
CA GLY B 208 19.99 -6.92 -19.90
C GLY B 208 20.55 -5.74 -20.67
N VAL B 209 21.82 -5.43 -20.43
CA VAL B 209 22.54 -4.38 -21.15
C VAL B 209 22.46 -4.62 -22.66
N PHE B 210 22.65 -5.88 -23.06
CA PHE B 210 22.53 -6.30 -24.45
C PHE B 210 21.12 -6.01 -25.01
N ALA B 211 20.10 -6.56 -24.35
CA ALA B 211 18.72 -6.50 -24.82
C ALA B 211 18.11 -5.10 -24.81
N LEU B 212 18.50 -4.28 -23.85
CA LEU B 212 17.97 -2.93 -23.71
C LEU B 212 18.41 -1.98 -24.83
N ILE B 213 19.70 -1.98 -25.15
CA ILE B 213 20.23 -1.13 -26.22
C ILE B 213 20.19 -1.81 -27.60
N ALA B 214 19.87 -3.10 -27.62
CA ALA B 214 19.59 -3.80 -28.87
C ALA B 214 18.19 -3.41 -29.36
N TYR B 215 17.31 -3.09 -28.42
CA TYR B 215 15.96 -2.63 -28.71
C TYR B 215 15.94 -1.16 -29.12
N VAL B 216 16.65 -0.33 -28.35
CA VAL B 216 16.71 1.11 -28.59
C VAL B 216 17.37 1.46 -29.92
N MET B 217 18.48 0.78 -30.23
CA MET B 217 19.21 1.02 -31.48
C MET B 217 18.52 0.39 -32.70
N ALA B 218 17.61 -0.54 -32.47
CA ALA B 218 16.84 -1.16 -33.55
C ALA B 218 15.60 -0.34 -33.89
N GLU B 219 14.88 0.09 -32.85
CA GLU B 219 13.62 0.80 -33.00
C GLU B 219 13.78 2.31 -33.17
N GLN B 220 14.93 2.83 -32.74
CA GLN B 220 15.13 4.29 -32.71
C GLN B 220 16.46 4.72 -33.33
N GLY B 221 17.39 3.78 -33.47
CA GLY B 221 18.71 4.05 -34.03
C GLY B 221 18.71 4.28 -35.52
N VAL B 222 17.67 3.79 -36.21
CA VAL B 222 17.54 3.94 -37.66
C VAL B 222 17.17 5.38 -38.03
N LYS B 223 16.48 6.07 -37.13
CA LYS B 223 16.07 7.46 -37.33
C LYS B 223 17.09 8.48 -36.83
N VAL B 224 18.28 8.00 -36.43
CA VAL B 224 19.33 8.87 -35.89
C VAL B 224 19.99 9.76 -36.96
N VAL B 225 19.90 9.33 -38.23
CA VAL B 225 20.47 10.09 -39.35
C VAL B 225 19.50 11.22 -39.73
N GLY B 226 20.01 12.22 -40.47
CA GLY B 226 19.21 13.36 -40.90
C GLY B 226 19.54 14.62 -40.12
N GLU B 227 18.58 15.53 -40.02
CA GLU B 227 18.74 16.72 -39.20
C GLU B 227 18.71 16.37 -37.72
N LEU B 228 18.17 15.19 -37.42
CA LEU B 228 18.14 14.66 -36.07
C LEU B 228 19.53 14.15 -35.63
N ALA B 229 20.43 14.03 -36.60
CA ALA B 229 21.83 13.69 -36.31
C ALA B 229 22.56 14.85 -35.65
N LYS B 230 22.22 16.08 -36.04
CA LYS B 230 22.84 17.27 -35.48
C LYS B 230 22.40 17.55 -34.05
N VAL B 231 21.23 17.04 -33.68
CA VAL B 231 20.72 17.15 -32.31
C VAL B 231 21.44 16.15 -31.40
N THR B 232 21.48 14.89 -31.83
CA THR B 232 22.14 13.81 -31.09
C THR B 232 23.63 14.11 -30.86
N ALA B 233 24.26 14.76 -31.85
CA ALA B 233 25.65 15.18 -31.74
C ALA B 233 25.81 16.32 -30.73
N ALA B 234 24.88 17.28 -30.78
CA ALA B 234 24.89 18.41 -29.86
C ALA B 234 24.51 18.02 -28.43
N VAL B 235 23.78 16.92 -28.29
CA VAL B 235 23.45 16.37 -26.97
C VAL B 235 24.65 15.60 -26.40
N TYR B 236 25.13 14.61 -27.16
CA TYR B 236 26.20 13.71 -26.70
C TYR B 236 27.54 14.40 -26.48
N VAL B 237 27.99 15.18 -27.46
CA VAL B 237 29.24 15.93 -27.33
C VAL B 237 29.12 16.98 -26.23
N GLY B 238 27.89 17.41 -25.95
CA GLY B 238 27.60 18.25 -24.80
C GLY B 238 27.76 17.49 -23.49
N LEU B 239 27.24 16.26 -23.46
CA LEU B 239 27.35 15.37 -22.29
C LEU B 239 28.80 15.02 -22.00
N THR B 240 29.54 14.70 -23.06
CA THR B 240 30.96 14.38 -22.98
C THR B 240 31.75 15.60 -22.51
N LEU B 241 31.33 16.78 -22.98
CA LEU B 241 31.98 18.04 -22.63
C LEU B 241 31.69 18.46 -21.19
N GLN B 242 30.53 18.06 -20.67
CA GLN B 242 30.18 18.37 -19.28
C GLN B 242 30.89 17.47 -18.28
N ILE B 243 31.05 16.20 -18.63
CA ILE B 243 31.79 15.25 -17.79
C ILE B 243 33.25 15.70 -17.65
N LEU B 244 33.86 16.07 -18.79
CA LEU B 244 35.27 16.45 -18.81
C LEU B 244 35.56 17.87 -18.32
N LEU B 245 34.54 18.72 -18.28
CA LEU B 245 34.74 20.11 -17.86
C LEU B 245 34.11 20.50 -16.52
N VAL B 246 33.00 19.88 -16.17
CA VAL B 246 32.32 20.22 -14.92
C VAL B 246 32.51 19.18 -13.81
N TYR B 247 32.65 17.91 -14.19
CA TYR B 247 32.88 16.85 -13.21
C TYR B 247 34.37 16.68 -12.94
N PHE B 248 35.14 16.41 -13.98
CA PHE B 248 36.58 16.20 -13.88
C PHE B 248 37.32 17.39 -13.24
N VAL B 249 36.90 18.60 -13.56
CA VAL B 249 37.47 19.81 -12.98
C VAL B 249 37.10 19.96 -11.50
N LEU B 250 35.84 19.69 -11.18
CA LEU B 250 35.38 19.72 -9.78
C LEU B 250 35.90 18.55 -8.94
N LEU B 251 36.29 17.46 -9.61
CA LEU B 251 36.93 16.34 -8.95
C LEU B 251 38.39 16.68 -8.61
N LYS B 252 39.06 17.39 -9.51
CA LYS B 252 40.44 17.80 -9.32
C LYS B 252 40.58 18.88 -8.25
N ILE B 253 39.66 19.84 -8.27
CA ILE B 253 39.72 21.01 -7.38
C ILE B 253 39.49 20.65 -5.91
N TYR B 254 38.87 19.50 -5.65
CA TYR B 254 38.59 19.03 -4.29
C TYR B 254 39.48 17.87 -3.83
N GLY B 255 40.47 17.52 -4.65
CA GLY B 255 41.48 16.53 -4.27
C GLY B 255 41.01 15.09 -4.28
N ILE B 256 40.53 14.64 -5.42
CA ILE B 256 40.16 13.24 -5.64
C ILE B 256 40.39 12.85 -7.10
N ASP B 257 40.95 11.66 -7.32
CA ASP B 257 41.39 11.23 -8.66
C ASP B 257 40.22 11.07 -9.65
N PRO B 258 40.29 11.78 -10.80
CA PRO B 258 39.24 11.77 -11.80
C PRO B 258 39.13 10.43 -12.54
N ILE B 259 40.27 9.83 -12.86
CA ILE B 259 40.33 8.58 -13.61
C ILE B 259 39.80 7.40 -12.78
N SER B 260 40.26 7.32 -11.52
CA SER B 260 39.86 6.25 -10.61
C SER B 260 38.39 6.36 -10.17
N PHE B 261 37.85 7.58 -10.28
CA PHE B 261 36.43 7.82 -10.02
C PHE B 261 35.57 7.12 -11.07
N ILE B 262 35.96 7.25 -12.34
CA ILE B 262 35.25 6.62 -13.47
C ILE B 262 35.32 5.09 -13.40
N LYS B 263 36.51 4.58 -13.04
CA LYS B 263 36.75 3.14 -12.90
C LYS B 263 35.77 2.46 -11.94
N LYS B 264 35.60 3.05 -10.75
CA LYS B 264 34.75 2.46 -9.71
C LYS B 264 33.24 2.75 -9.89
N ALA B 265 32.92 3.78 -10.66
CA ALA B 265 31.54 4.21 -10.88
C ALA B 265 30.98 3.82 -12.25
N LYS B 266 31.78 3.08 -13.02
CA LYS B 266 31.39 2.64 -14.36
C LYS B 266 30.25 1.63 -14.36
N ASP B 267 30.13 0.85 -13.27
CA ASP B 267 29.03 -0.08 -13.09
C ASP B 267 27.69 0.66 -12.96
N ALA B 268 27.68 1.73 -12.17
CA ALA B 268 26.49 2.54 -11.93
C ALA B 268 26.25 3.56 -13.07
N MET B 269 27.14 3.55 -14.05
CA MET B 269 27.08 4.47 -15.17
C MET B 269 26.57 3.77 -16.43
N LEU B 270 26.93 2.50 -16.56
CA LEU B 270 26.49 1.67 -17.69
C LEU B 270 25.06 1.18 -17.50
N THR B 271 24.71 0.82 -16.27
CA THR B 271 23.34 0.44 -15.95
C THR B 271 22.40 1.63 -16.11
N ALA B 272 22.87 2.80 -15.70
CA ALA B 272 22.13 4.05 -15.88
C ALA B 272 21.92 4.36 -17.36
N PHE B 273 22.89 3.99 -18.18
CA PHE B 273 22.86 4.23 -19.62
C PHE B 273 21.86 3.33 -20.36
N VAL B 274 21.80 2.06 -19.97
CA VAL B 274 20.92 1.09 -20.65
C VAL B 274 19.50 1.03 -20.09
N THR B 275 19.35 1.31 -18.80
CA THR B 275 18.05 1.32 -18.13
C THR B 275 17.32 2.62 -18.41
N ARG B 276 18.07 3.72 -18.44
CA ARG B 276 17.53 5.08 -18.62
C ARG B 276 16.65 5.50 -17.43
N SER B 277 16.90 4.91 -16.27
CA SER B 277 16.18 5.26 -15.05
C SER B 277 17.17 5.61 -13.94
N SER B 278 17.02 6.81 -13.37
CA SER B 278 17.86 7.28 -12.29
C SER B 278 17.62 6.47 -11.01
N SER B 279 16.36 6.31 -10.64
CA SER B 279 15.98 5.52 -9.48
C SER B 279 16.11 4.04 -9.78
N GLY B 280 15.81 3.65 -11.02
CA GLY B 280 15.95 2.27 -11.45
C GLY B 280 17.32 1.70 -11.21
N THR B 281 18.35 2.55 -11.31
CA THR B 281 19.74 2.15 -11.14
C THR B 281 20.32 2.56 -9.80
N LEU B 282 19.45 3.06 -8.91
CA LEU B 282 19.86 3.54 -7.59
C LEU B 282 20.50 2.46 -6.68
N PRO B 283 20.09 1.17 -6.81
CA PRO B 283 20.79 0.15 -6.04
C PRO B 283 22.25 -0.02 -6.46
N VAL B 284 22.53 0.11 -7.76
CA VAL B 284 23.90 0.02 -8.26
C VAL B 284 24.67 1.31 -7.91
N THR B 285 23.98 2.45 -8.04
CA THR B 285 24.53 3.77 -7.71
C THR B 285 24.98 3.84 -6.25
N MET B 286 24.20 3.22 -5.36
CA MET B 286 24.52 3.16 -3.93
C MET B 286 25.65 2.17 -3.63
N ARG B 287 25.60 1.00 -4.26
CA ARG B 287 26.60 -0.04 -4.04
C ARG B 287 27.97 0.40 -4.51
N VAL B 288 27.99 1.19 -5.58
CA VAL B 288 29.22 1.80 -6.09
C VAL B 288 29.78 2.85 -5.12
N ALA B 289 28.90 3.46 -4.34
CA ALA B 289 29.30 4.43 -3.32
C ALA B 289 29.95 3.77 -2.10
N LYS B 290 29.38 2.64 -1.65
CA LYS B 290 29.94 1.90 -0.51
C LYS B 290 31.29 1.27 -0.81
N GLU B 291 31.44 0.78 -2.04
CA GLU B 291 32.70 0.21 -2.52
C GLU B 291 33.75 1.31 -2.77
N MET B 292 33.27 2.54 -2.90
CA MET B 292 34.15 3.69 -3.08
C MET B 292 34.73 4.14 -1.74
N GLY B 293 33.97 3.93 -0.66
CA GLY B 293 34.45 4.21 0.69
C GLY B 293 33.64 5.23 1.47
N ILE B 294 32.74 5.93 0.78
CA ILE B 294 31.87 6.95 1.39
C ILE B 294 31.02 6.37 2.53
N SER B 295 30.89 7.13 3.61
CA SER B 295 30.10 6.73 4.78
C SER B 295 28.62 6.60 4.41
N GLU B 296 27.95 5.60 4.98
CA GLU B 296 26.51 5.36 4.75
C GLU B 296 25.65 6.57 5.10
N GLY B 297 26.10 7.35 6.08
CA GLY B 297 25.41 8.57 6.51
C GLY B 297 25.22 9.62 5.42
N ILE B 298 26.12 9.64 4.44
CA ILE B 298 26.08 10.61 3.35
C ILE B 298 25.37 10.06 2.11
N TYR B 299 25.89 8.96 1.56
CA TYR B 299 25.42 8.45 0.26
C TYR B 299 24.00 7.86 0.27
N SER B 300 23.53 7.47 1.46
CA SER B 300 22.16 6.98 1.63
C SER B 300 21.15 8.11 1.62
N PHE B 301 21.66 9.33 1.74
CA PHE B 301 20.84 10.54 1.70
C PHE B 301 20.96 11.25 0.35
N THR B 302 22.19 11.45 -0.10
CA THR B 302 22.46 12.26 -1.29
C THR B 302 22.08 11.61 -2.61
N LEU B 303 22.34 10.30 -2.73
CA LEU B 303 22.07 9.59 -3.99
C LEU B 303 20.58 9.44 -4.33
N PRO B 304 19.72 9.13 -3.35
CA PRO B 304 18.29 9.10 -3.63
C PRO B 304 17.70 10.48 -3.90
N LEU B 305 18.20 11.50 -3.19
CA LEU B 305 17.79 12.87 -3.43
C LEU B 305 18.28 13.36 -4.80
N GLY B 306 19.48 12.90 -5.19
CA GLY B 306 20.06 13.22 -6.50
C GLY B 306 19.37 12.51 -7.65
N ALA B 307 18.79 11.35 -7.34
CA ALA B 307 18.01 10.59 -8.32
C ALA B 307 16.71 11.32 -8.68
N THR B 308 16.40 12.37 -7.93
CA THR B 308 15.16 13.12 -8.09
C THR B 308 15.42 14.56 -8.56
N ILE B 309 16.34 15.25 -7.89
CA ILE B 309 16.59 16.66 -8.18
C ILE B 309 17.67 16.86 -9.25
N ASN B 310 18.86 16.28 -9.04
CA ASN B 310 20.01 16.50 -9.92
C ASN B 310 19.91 15.83 -11.28
N MET B 311 19.16 16.47 -12.18
CA MET B 311 18.96 15.97 -13.54
C MET B 311 19.88 16.76 -14.47
N ASP B 312 21.18 16.56 -14.32
CA ASP B 312 22.19 17.30 -15.09
C ASP B 312 22.08 17.08 -16.59
N GLY B 313 22.23 15.83 -17.02
CA GLY B 313 22.12 15.46 -18.44
C GLY B 313 20.82 15.89 -19.08
N THR B 314 19.74 15.89 -18.30
CA THR B 314 18.41 16.30 -18.76
C THR B 314 18.35 17.80 -19.08
N ALA B 315 18.88 18.62 -18.18
CA ALA B 315 18.94 20.07 -18.38
C ALA B 315 19.79 20.45 -19.60
N LEU B 316 20.72 19.57 -19.94
CA LEU B 316 21.57 19.72 -21.12
C LEU B 316 20.80 19.39 -22.40
N TYR B 317 19.87 18.44 -22.31
CA TYR B 317 18.93 18.15 -23.39
C TYR B 317 17.88 19.26 -23.49
N GLN B 318 17.39 19.70 -22.34
CA GLN B 318 16.41 20.79 -22.26
C GLN B 318 16.97 22.10 -22.83
N GLY B 319 18.29 22.20 -22.88
CA GLY B 319 18.95 23.34 -23.50
C GLY B 319 18.93 23.27 -25.01
N VAL B 320 19.29 22.11 -25.55
CA VAL B 320 19.40 21.91 -27.00
C VAL B 320 18.08 21.45 -27.65
N CYS B 321 17.03 21.30 -26.83
CA CYS B 321 15.68 21.04 -27.33
C CYS B 321 14.88 22.33 -27.46
N THR B 322 15.11 23.26 -26.55
CA THR B 322 14.55 24.61 -26.62
C THR B 322 15.05 25.27 -27.90
N PHE B 323 16.33 25.07 -28.20
CA PHE B 323 16.97 25.61 -29.41
C PHE B 323 16.56 24.89 -30.69
N PHE B 324 16.27 23.60 -30.60
CA PHE B 324 15.81 22.84 -31.76
C PHE B 324 14.43 23.32 -32.21
N ILE B 325 13.54 23.51 -31.24
CA ILE B 325 12.18 23.99 -31.49
C ILE B 325 12.16 25.45 -31.96
N ALA B 326 13.08 26.25 -31.41
CA ALA B 326 13.22 27.65 -31.82
C ALA B 326 13.77 27.79 -33.24
N ASN B 327 14.70 26.92 -33.62
CA ASN B 327 15.25 26.91 -34.97
C ASN B 327 14.28 26.36 -36.03
N ALA B 328 13.46 25.38 -35.62
CA ALA B 328 12.47 24.78 -36.51
C ALA B 328 11.33 25.73 -36.85
N LEU B 329 11.23 26.82 -36.11
CA LEU B 329 10.24 27.88 -36.38
C LEU B 329 10.88 29.09 -37.06
N GLY B 330 12.19 29.22 -36.91
CA GLY B 330 12.94 30.34 -37.47
C GLY B 330 13.15 31.47 -36.48
N SER B 331 12.56 31.32 -35.29
CA SER B 331 12.64 32.33 -34.24
C SER B 331 13.92 32.13 -33.39
N HIS B 332 14.89 33.01 -33.59
CA HIS B 332 16.16 32.92 -32.84
C HIS B 332 16.06 33.69 -31.53
N LEU B 333 16.49 33.05 -30.45
CA LEU B 333 16.36 33.58 -29.09
C LEU B 333 17.41 34.63 -28.80
N THR B 334 17.05 35.62 -27.97
CA THR B 334 17.93 36.75 -27.70
C THR B 334 18.81 36.59 -26.45
N VAL B 335 19.77 37.50 -26.30
CA VAL B 335 20.73 37.51 -25.19
C VAL B 335 20.09 37.57 -23.81
N GLY B 336 18.90 38.18 -23.74
CA GLY B 336 18.14 38.25 -22.50
C GLY B 336 17.20 37.07 -22.31
N GLN B 337 16.92 36.35 -23.39
CA GLN B 337 16.04 35.18 -23.35
C GLN B 337 16.77 33.89 -23.01
N GLN B 338 18.05 33.82 -23.35
CA GLN B 338 18.87 32.64 -23.08
C GLN B 338 19.11 32.41 -21.58
N LEU B 339 19.22 33.52 -20.84
CA LEU B 339 19.33 33.47 -19.38
C LEU B 339 18.01 33.04 -18.72
N THR B 340 16.89 33.36 -19.36
CA THR B 340 15.57 33.00 -18.83
C THR B 340 15.22 31.51 -19.04
N ILE B 341 15.95 30.86 -19.96
CA ILE B 341 15.85 29.41 -20.12
C ILE B 341 16.59 28.74 -18.98
N VAL B 342 17.76 29.28 -18.63
CA VAL B 342 18.58 28.77 -17.53
C VAL B 342 17.84 28.79 -16.19
N LEU B 343 17.13 29.89 -15.92
CA LEU B 343 16.40 30.06 -14.68
C LEU B 343 15.33 28.98 -14.45
N THR B 344 14.40 28.86 -15.40
CA THR B 344 13.24 27.97 -15.25
C THR B 344 13.56 26.49 -15.49
N ALA B 345 14.72 26.20 -16.07
CA ALA B 345 15.19 24.81 -16.22
C ALA B 345 15.66 24.28 -14.88
N VAL B 346 16.24 25.17 -14.08
CA VAL B 346 16.69 24.85 -12.73
C VAL B 346 15.50 24.83 -11.75
N LEU B 347 14.67 25.87 -11.82
CA LEU B 347 13.49 25.98 -10.97
C LEU B 347 12.38 25.02 -11.41
N ALA B 348 12.62 24.29 -12.50
CA ALA B 348 11.76 23.21 -12.94
C ALA B 348 12.12 21.92 -12.22
N SER B 349 13.39 21.78 -11.81
CA SER B 349 13.85 20.62 -11.04
C SER B 349 13.23 20.56 -9.65
N ILE B 350 12.78 21.71 -9.17
CA ILE B 350 12.15 21.82 -7.86
C ILE B 350 10.62 21.86 -8.00
N GLY B 351 10.15 22.46 -9.10
CA GLY B 351 8.71 22.58 -9.39
C GLY B 351 8.06 21.27 -9.76
N THR B 352 8.87 20.26 -10.06
CA THR B 352 8.40 18.90 -10.27
C THR B 352 8.79 18.05 -9.07
N ALA B 353 10.09 18.07 -8.73
CA ALA B 353 10.66 17.30 -7.62
C ALA B 353 10.11 15.88 -7.52
N GLY B 354 9.18 15.68 -6.59
CA GLY B 354 8.59 14.36 -6.35
C GLY B 354 7.59 13.88 -7.39
N VAL B 355 6.95 14.83 -8.08
CA VAL B 355 5.87 14.55 -9.03
C VAL B 355 6.33 13.70 -10.22
N PRO B 356 5.58 12.62 -10.52
CA PRO B 356 5.82 11.78 -11.70
C PRO B 356 5.55 12.53 -13.00
N GLY B 357 6.16 12.05 -14.10
CA GLY B 357 6.09 12.73 -15.38
C GLY B 357 6.99 13.96 -15.41
N ALA B 358 8.02 13.94 -14.58
CA ALA B 358 8.96 15.05 -14.39
C ALA B 358 9.63 15.51 -15.69
N GLY B 359 10.40 14.63 -16.32
CA GLY B 359 11.15 14.95 -17.54
C GLY B 359 10.36 15.46 -18.73
N ALA B 360 9.03 15.49 -18.59
CA ALA B 360 8.12 15.96 -19.63
C ALA B 360 7.42 17.25 -19.23
N ILE B 361 6.89 17.29 -18.00
CA ILE B 361 6.23 18.50 -17.49
C ILE B 361 7.26 19.57 -17.12
N MET B 362 8.51 19.13 -16.94
CA MET B 362 9.64 20.00 -16.68
C MET B 362 9.97 20.78 -17.95
N LEU B 363 10.09 20.06 -19.07
CA LEU B 363 10.34 20.67 -20.37
C LEU B 363 9.17 21.54 -20.84
N ALA B 364 7.97 21.19 -20.38
CA ALA B 364 6.75 21.93 -20.72
C ALA B 364 6.81 23.36 -20.20
N MET B 365 7.19 23.53 -18.94
CA MET B 365 7.29 24.87 -18.33
C MET B 365 8.55 25.61 -18.77
N VAL B 366 9.53 24.88 -19.31
CA VAL B 366 10.76 25.46 -19.86
C VAL B 366 10.48 26.13 -21.21
N LEU B 367 9.81 25.40 -22.10
CA LEU B 367 9.45 25.92 -23.42
C LEU B 367 8.45 27.07 -23.33
N GLU B 368 7.55 26.99 -22.35
CA GLU B 368 6.50 27.97 -22.16
C GLU B 368 7.03 29.31 -21.63
N SER B 369 8.07 29.25 -20.80
CA SER B 369 8.63 30.44 -20.15
C SER B 369 9.60 31.25 -21.02
N VAL B 370 9.76 30.82 -22.28
CA VAL B 370 10.51 31.60 -23.27
C VAL B 370 9.57 32.09 -24.39
N GLY B 371 8.40 31.47 -24.49
CA GLY B 371 7.36 31.89 -25.43
C GLY B 371 7.03 30.87 -26.51
N LEU B 372 7.31 29.60 -26.24
CA LEU B 372 7.05 28.52 -27.20
C LEU B 372 6.16 27.42 -26.60
N PRO B 373 4.84 27.67 -26.48
CA PRO B 373 3.93 26.69 -25.87
C PRO B 373 3.85 25.38 -26.65
N LEU B 374 3.66 24.27 -25.93
CA LEU B 374 3.61 22.95 -26.55
C LEU B 374 2.23 22.64 -27.15
N THR B 375 1.29 23.55 -26.95
CA THR B 375 -0.06 23.42 -27.49
C THR B 375 -0.12 23.83 -28.96
N ASP B 376 0.75 24.77 -29.33
CA ASP B 376 0.85 25.30 -30.69
C ASP B 376 1.27 24.22 -31.69
N PRO B 377 0.42 23.95 -32.71
CA PRO B 377 0.68 22.94 -33.74
C PRO B 377 2.04 23.06 -34.41
N ASN B 378 2.51 24.29 -34.58
CA ASN B 378 3.85 24.57 -35.13
C ASN B 378 4.97 23.99 -34.26
N VAL B 379 4.87 24.19 -32.96
CA VAL B 379 5.83 23.65 -31.99
C VAL B 379 5.64 22.15 -31.82
N ALA B 380 4.37 21.74 -31.76
CA ALA B 380 3.98 20.34 -31.50
C ALA B 380 4.49 19.38 -32.56
N ALA B 381 4.48 19.80 -33.82
CA ALA B 381 5.00 18.99 -34.91
C ALA B 381 6.51 18.82 -34.81
N ALA B 382 7.19 19.88 -34.36
CA ALA B 382 8.66 19.88 -34.23
C ALA B 382 9.15 19.07 -33.04
N TYR B 383 8.38 19.09 -31.95
CA TYR B 383 8.68 18.29 -30.77
C TYR B 383 8.40 16.81 -31.03
N ALA B 384 7.44 16.53 -31.90
CA ALA B 384 7.09 15.18 -32.31
C ALA B 384 8.26 14.46 -32.98
N MET B 385 9.03 15.22 -33.75
CA MET B 385 10.22 14.70 -34.43
C MET B 385 11.35 14.42 -33.42
N ILE B 386 11.46 15.27 -32.39
CA ILE B 386 12.42 15.06 -31.30
C ILE B 386 12.13 13.78 -30.53
N LEU B 387 10.84 13.48 -30.35
CA LEU B 387 10.40 12.25 -29.69
C LEU B 387 10.80 11.00 -30.47
N GLY B 388 10.99 11.15 -31.78
CA GLY B 388 11.39 10.04 -32.65
C GLY B 388 12.74 9.44 -32.30
N ILE B 389 13.53 10.17 -31.51
CA ILE B 389 14.84 9.71 -31.03
C ILE B 389 15.02 9.95 -29.53
N ASP B 390 13.91 9.94 -28.79
CA ASP B 390 13.90 10.30 -27.38
C ASP B 390 14.66 9.32 -26.48
N ALA B 391 14.60 8.04 -26.84
CA ALA B 391 15.32 6.99 -26.10
C ALA B 391 16.83 7.09 -26.30
N ILE B 392 17.25 7.38 -27.53
CA ILE B 392 18.66 7.61 -27.88
C ILE B 392 19.26 8.71 -27.01
N LEU B 393 18.48 9.76 -26.77
CA LEU B 393 18.90 10.86 -25.92
C LEU B 393 18.79 10.50 -24.43
N ASP B 394 17.75 9.73 -24.10
CA ASP B 394 17.50 9.31 -22.71
C ASP B 394 18.66 8.49 -22.15
N MET B 395 19.29 7.69 -22.99
CA MET B 395 20.45 6.88 -22.59
C MET B 395 21.61 7.75 -22.11
N GLY B 396 21.97 8.76 -22.90
CA GLY B 396 23.07 9.65 -22.57
C GLY B 396 22.79 10.57 -21.39
N CYS B 397 21.56 11.08 -21.33
CA CYS B 397 21.17 12.01 -20.27
C CYS B 397 21.15 11.36 -18.89
N THR B 398 20.55 10.17 -18.78
CA THR B 398 20.46 9.42 -17.53
C THR B 398 21.85 9.06 -16.99
N MET B 399 22.77 8.75 -17.91
CA MET B 399 24.14 8.38 -17.55
C MET B 399 24.84 9.54 -16.84
N VAL B 400 24.71 10.74 -17.39
CA VAL B 400 25.26 11.95 -16.80
C VAL B 400 24.46 12.34 -15.55
N ASN B 401 23.16 12.03 -15.55
CA ASN B 401 22.28 12.26 -14.41
C ASN B 401 22.74 11.59 -13.13
N VAL B 402 23.20 10.34 -13.24
CA VAL B 402 23.71 9.60 -12.09
C VAL B 402 25.19 9.88 -11.82
N THR B 403 25.89 10.36 -12.84
CA THR B 403 27.30 10.75 -12.71
C THR B 403 27.40 11.94 -11.77
N GLY B 404 26.57 12.96 -12.03
CA GLY B 404 26.46 14.13 -11.16
C GLY B 404 26.02 13.77 -9.76
N ASP B 405 25.18 12.76 -9.65
CA ASP B 405 24.74 12.23 -8.37
C ASP B 405 25.93 11.66 -7.56
N LEU B 406 26.82 10.94 -8.24
CA LEU B 406 27.99 10.36 -7.59
C LEU B 406 29.07 11.42 -7.32
N THR B 407 29.29 12.30 -8.30
CA THR B 407 30.31 13.33 -8.20
C THR B 407 30.06 14.25 -7.02
N GLY B 408 28.81 14.67 -6.85
CA GLY B 408 28.41 15.48 -5.69
C GLY B 408 28.62 14.76 -4.39
N THR B 409 28.22 13.48 -4.36
CA THR B 409 28.35 12.63 -3.18
C THR B 409 29.80 12.53 -2.69
N ALA B 410 30.74 12.45 -3.65
CA ALA B 410 32.16 12.34 -3.33
C ALA B 410 32.76 13.65 -2.79
N ILE B 411 32.39 14.77 -3.41
CA ILE B 411 32.89 16.10 -3.02
C ILE B 411 32.43 16.50 -1.61
N VAL B 412 31.19 16.16 -1.28
CA VAL B 412 30.65 16.41 0.07
C VAL B 412 31.33 15.49 1.09
N ALA B 413 31.62 14.26 0.70
CA ALA B 413 32.32 13.29 1.54
C ALA B 413 33.77 13.69 1.81
N LYS B 414 34.34 14.48 0.90
CA LYS B 414 35.68 15.04 1.08
C LYS B 414 35.67 16.25 2.02
N THR B 415 34.63 17.07 1.91
CA THR B 415 34.39 18.16 2.86
C THR B 415 33.78 17.56 4.13
N GLU B 416 34.54 16.64 4.73
CA GLU B 416 34.10 15.84 5.87
C GLU B 416 35.32 15.15 6.46
N GLY B 417 35.88 14.20 5.70
CA GLY B 417 37.04 13.44 6.13
C GLY B 417 37.09 12.04 5.53
N GLU C 9 -14.49 -28.50 25.14
CA GLU C 9 -14.28 -27.95 23.77
C GLU C 9 -14.16 -29.01 22.68
N TYR C 10 -13.39 -30.06 22.99
CA TYR C 10 -13.00 -31.12 22.02
C TYR C 10 -12.52 -30.60 20.64
N PRO C 11 -12.55 -31.43 19.58
CA PRO C 11 -12.33 -31.03 18.18
C PRO C 11 -12.80 -29.60 17.82
N VAL C 12 -12.19 -28.90 16.84
CA VAL C 12 -11.22 -29.35 15.80
C VAL C 12 -11.83 -30.24 14.66
N LEU C 13 -11.34 -31.47 14.49
CA LEU C 13 -11.73 -32.35 13.38
C LEU C 13 -13.23 -32.71 13.32
N GLN C 14 -13.81 -33.04 14.48
CA GLN C 14 -15.21 -33.48 14.58
C GLN C 14 -16.21 -32.31 14.64
N LYS C 15 -15.92 -31.29 15.46
CA LYS C 15 -16.82 -30.15 15.65
C LYS C 15 -17.07 -29.37 14.34
N ILE C 16 -16.06 -29.34 13.48
CA ILE C 16 -16.20 -28.79 12.13
C ILE C 16 -17.21 -29.62 11.32
N LEU C 17 -17.06 -30.94 11.38
CA LEU C 17 -17.93 -31.87 10.66
C LEU C 17 -19.39 -31.85 11.14
N ILE C 18 -19.61 -31.46 12.40
CA ILE C 18 -20.96 -31.31 12.94
C ILE C 18 -21.68 -30.16 12.24
N GLY C 19 -21.02 -29.00 12.18
CA GLY C 19 -21.57 -27.81 11.52
C GLY C 19 -21.70 -27.96 10.02
N LEU C 20 -20.85 -28.80 9.43
CA LEU C 20 -20.89 -29.06 7.99
C LEU C 20 -22.10 -29.91 7.58
N ILE C 21 -22.44 -30.92 8.38
CA ILE C 21 -23.60 -31.77 8.11
C ILE C 21 -24.90 -31.10 8.58
N LEU C 22 -24.84 -30.45 9.74
CA LEU C 22 -25.97 -29.68 10.28
C LEU C 22 -26.31 -28.50 9.36
N GLY C 23 -25.29 -27.78 8.92
CA GLY C 23 -25.45 -26.62 8.03
C GLY C 23 -26.02 -26.93 6.66
N ALA C 24 -25.67 -28.10 6.13
CA ALA C 24 -26.15 -28.52 4.81
C ALA C 24 -27.63 -28.85 4.86
N ILE C 25 -28.05 -29.55 5.92
CA ILE C 25 -29.45 -29.93 6.11
C ILE C 25 -30.30 -28.70 6.49
N VAL C 26 -29.75 -27.81 7.32
CA VAL C 26 -30.43 -26.55 7.67
C VAL C 26 -30.36 -25.55 6.51
N GLY C 27 -29.45 -25.80 5.57
CA GLY C 27 -29.34 -25.00 4.36
C GLY C 27 -30.39 -25.41 3.33
N LEU C 28 -30.33 -26.69 2.94
CA LEU C 28 -31.25 -27.25 1.94
C LEU C 28 -32.73 -27.05 2.31
N ILE C 29 -33.06 -27.26 3.58
CA ILE C 29 -34.44 -27.14 4.06
C ILE C 29 -34.91 -25.68 4.12
N LEU C 30 -34.14 -24.82 4.77
CA LEU C 30 -34.51 -23.42 4.96
C LEU C 30 -34.56 -22.63 3.64
N GLY C 31 -33.77 -23.06 2.67
CA GLY C 31 -33.71 -22.44 1.35
C GLY C 31 -34.79 -22.91 0.39
N HIS C 32 -35.20 -24.18 0.53
CA HIS C 32 -36.25 -24.77 -0.29
C HIS C 32 -37.63 -24.24 0.09
N TYR C 33 -37.76 -23.75 1.33
CA TYR C 33 -39.02 -23.22 1.84
C TYR C 33 -39.16 -21.71 1.59
N GLY C 34 -38.48 -21.23 0.56
CA GLY C 34 -38.58 -19.84 0.12
C GLY C 34 -37.55 -18.90 0.71
N TYR C 35 -37.05 -19.22 1.89
CA TYR C 35 -36.16 -18.32 2.64
C TYR C 35 -34.67 -18.50 2.31
N ALA C 36 -34.34 -18.32 1.04
CA ALA C 36 -32.95 -18.32 0.58
C ALA C 36 -32.30 -16.96 0.87
N ASP C 37 -33.07 -15.89 0.73
CA ASP C 37 -32.60 -14.53 1.00
C ASP C 37 -32.48 -14.25 2.49
N ALA C 38 -33.24 -14.98 3.30
CA ALA C 38 -33.14 -14.89 4.75
C ALA C 38 -31.87 -15.58 5.26
N VAL C 39 -31.18 -16.28 4.37
CA VAL C 39 -29.91 -16.96 4.68
C VAL C 39 -28.71 -16.13 4.19
N LYS C 40 -28.94 -15.35 3.13
CA LYS C 40 -27.94 -14.42 2.58
C LYS C 40 -27.57 -13.36 3.62
N THR C 41 -28.58 -12.75 4.22
CA THR C 41 -28.41 -11.93 5.41
C THR C 41 -28.67 -12.82 6.62
N TYR C 42 -28.07 -12.47 7.77
CA TYR C 42 -28.21 -13.22 9.02
C TYR C 42 -27.25 -14.40 9.17
N VAL C 43 -27.25 -15.31 8.20
CA VAL C 43 -26.45 -16.53 8.31
C VAL C 43 -25.06 -16.37 7.71
N LYS C 44 -24.98 -15.87 6.48
CA LYS C 44 -23.71 -15.76 5.74
C LYS C 44 -22.63 -14.86 6.39
N PRO C 45 -23.00 -13.64 6.88
CA PRO C 45 -22.04 -12.75 7.55
C PRO C 45 -21.07 -13.44 8.52
N PHE C 46 -21.53 -14.48 9.21
CA PHE C 46 -20.69 -15.26 10.13
C PHE C 46 -19.63 -16.06 9.39
N GLY C 47 -20.02 -16.66 8.27
CA GLY C 47 -19.10 -17.41 7.42
C GLY C 47 -18.05 -16.50 6.80
N ASP C 48 -18.46 -15.28 6.46
CA ASP C 48 -17.58 -14.28 5.88
C ASP C 48 -16.46 -13.91 6.83
N LEU C 49 -16.80 -13.68 8.09
CA LEU C 49 -15.84 -13.38 9.14
C LEU C 49 -14.73 -14.43 9.17
N PHE C 50 -15.13 -15.70 9.09
CA PHE C 50 -14.18 -16.83 9.05
C PHE C 50 -13.27 -16.77 7.83
N VAL C 51 -13.83 -16.41 6.68
CA VAL C 51 -13.06 -16.28 5.45
C VAL C 51 -12.06 -15.12 5.58
N ARG C 52 -12.55 -14.00 6.10
CA ARG C 52 -11.73 -12.79 6.29
C ARG C 52 -10.58 -13.04 7.25
N LEU C 53 -10.91 -13.60 8.42
CA LEU C 53 -9.91 -13.91 9.45
C LEU C 53 -8.77 -14.80 8.93
N LEU C 54 -9.11 -15.77 8.08
CA LEU C 54 -8.12 -16.64 7.46
C LEU C 54 -7.34 -15.90 6.37
N LYS C 55 -8.03 -15.03 5.64
CA LYS C 55 -7.37 -14.19 4.65
C LYS C 55 -6.42 -13.22 5.35
N MET C 56 -6.84 -12.74 6.52
CA MET C 56 -6.06 -11.83 7.35
C MET C 56 -4.61 -12.31 7.54
N LEU C 57 -4.43 -13.62 7.61
CA LEU C 57 -3.12 -14.20 7.85
C LEU C 57 -2.33 -14.45 6.56
N VAL C 58 -3.04 -14.58 5.44
CA VAL C 58 -2.45 -15.09 4.19
C VAL C 58 -1.19 -14.35 3.72
N MET C 59 -1.13 -13.05 3.94
CA MET C 59 0.02 -12.28 3.49
C MET C 59 1.24 -12.43 4.40
N PRO C 60 1.11 -12.13 5.70
CA PRO C 60 2.28 -12.27 6.60
C PRO C 60 2.81 -13.70 6.69
N ILE C 61 1.92 -14.68 6.78
CA ILE C 61 2.31 -16.09 6.92
C ILE C 61 3.11 -16.60 5.71
N VAL C 62 2.76 -16.12 4.52
CA VAL C 62 3.48 -16.50 3.29
C VAL C 62 4.85 -15.85 3.24
N PHE C 63 4.89 -14.54 3.45
CA PHE C 63 6.14 -13.77 3.38
C PHE C 63 7.14 -14.17 4.46
N ALA C 64 6.68 -14.18 5.71
CA ALA C 64 7.55 -14.42 6.85
C ALA C 64 8.10 -15.83 6.89
N SER C 65 7.28 -16.80 6.49
CA SER C 65 7.66 -18.21 6.55
C SER C 65 8.56 -18.64 5.39
N LEU C 66 8.49 -17.91 4.27
CA LEU C 66 9.31 -18.24 3.11
C LEU C 66 10.69 -17.59 3.19
N VAL C 67 10.79 -16.44 3.86
CA VAL C 67 12.09 -15.79 4.09
C VAL C 67 12.96 -16.70 4.98
N VAL C 68 12.32 -17.37 5.93
CA VAL C 68 13.01 -18.35 6.79
C VAL C 68 13.06 -19.74 6.15
N GLY C 69 12.23 -19.94 5.13
CA GLY C 69 12.25 -21.18 4.34
C GLY C 69 13.18 -21.06 3.15
N ALA C 70 14.09 -20.11 3.22
CA ALA C 70 15.12 -19.92 2.20
C ALA C 70 16.50 -19.87 2.87
N ALA C 71 16.52 -19.41 4.12
CA ALA C 71 17.69 -19.53 4.97
C ALA C 71 17.83 -20.99 5.40
N SER C 72 16.69 -21.68 5.45
CA SER C 72 16.61 -23.09 5.81
C SER C 72 17.35 -23.97 4.80
N ILE C 73 17.05 -23.75 3.52
CA ILE C 73 17.48 -24.66 2.45
C ILE C 73 18.53 -24.04 1.53
N SER C 74 19.47 -24.88 1.07
CA SER C 74 20.52 -24.48 0.12
C SER C 74 19.91 -23.99 -1.21
N PRO C 75 20.41 -22.87 -1.75
CA PRO C 75 19.87 -22.23 -2.97
C PRO C 75 19.74 -23.16 -4.20
N ALA C 76 20.67 -24.11 -4.34
CA ALA C 76 20.60 -25.10 -5.42
C ALA C 76 19.55 -26.16 -5.14
N ARG C 77 19.32 -26.43 -3.85
CA ARG C 77 18.33 -27.40 -3.39
C ARG C 77 16.91 -26.87 -3.60
N LEU C 78 16.73 -25.58 -3.38
CA LEU C 78 15.45 -24.88 -3.57
C LEU C 78 15.08 -24.84 -5.06
N GLY C 79 16.09 -24.70 -5.91
CA GLY C 79 15.92 -24.74 -7.36
C GLY C 79 15.47 -26.10 -7.86
N ARG C 80 15.94 -27.15 -7.17
CA ARG C 80 15.58 -28.53 -7.48
C ARG C 80 14.14 -28.81 -7.04
N VAL C 81 13.81 -28.40 -5.83
CA VAL C 81 12.45 -28.48 -5.30
C VAL C 81 11.47 -27.83 -6.28
N GLY C 82 11.84 -26.65 -6.77
CA GLY C 82 11.05 -25.90 -7.73
C GLY C 82 10.82 -26.59 -9.07
N VAL C 83 11.89 -27.22 -9.60
CA VAL C 83 11.82 -27.93 -10.88
C VAL C 83 10.90 -29.15 -10.81
N LYS C 84 10.95 -29.86 -9.68
CA LYS C 84 10.11 -31.03 -9.46
C LYS C 84 8.64 -30.68 -9.28
N ILE C 85 8.36 -29.76 -8.35
CA ILE C 85 6.99 -29.37 -8.01
C ILE C 85 6.22 -28.79 -9.18
N VAL C 86 6.91 -28.02 -10.03
CA VAL C 86 6.31 -27.43 -11.24
C VAL C 86 5.95 -28.53 -12.25
N VAL C 87 6.84 -29.52 -12.39
CA VAL C 87 6.57 -30.68 -13.24
C VAL C 87 5.40 -31.50 -12.68
N TYR C 88 5.35 -31.63 -11.35
CA TYR C 88 4.23 -32.28 -10.68
C TYR C 88 2.92 -31.57 -10.98
N TYR C 89 2.91 -30.25 -10.81
CA TYR C 89 1.72 -29.42 -10.96
C TYR C 89 1.13 -29.46 -12.38
N LEU C 90 2.00 -29.54 -13.38
CA LEU C 90 1.56 -29.57 -14.78
C LEU C 90 0.93 -30.90 -15.17
N LEU C 91 1.54 -31.99 -14.71
CA LEU C 91 1.04 -33.34 -15.00
C LEU C 91 -0.25 -33.68 -14.25
N THR C 92 -0.37 -33.21 -13.01
CA THR C 92 -1.58 -33.43 -12.21
C THR C 92 -2.76 -32.61 -12.72
N SER C 93 -2.47 -31.44 -13.28
CA SER C 93 -3.49 -30.60 -13.91
C SER C 93 -3.89 -31.18 -15.27
N ALA C 94 -2.96 -31.86 -15.93
CA ALA C 94 -3.23 -32.51 -17.20
C ALA C 94 -4.07 -33.78 -17.03
N PHE C 95 -3.90 -34.45 -15.89
CA PHE C 95 -4.69 -35.65 -15.56
C PHE C 95 -6.13 -35.32 -15.20
N ALA C 96 -6.34 -34.16 -14.58
CA ALA C 96 -7.67 -33.73 -14.13
C ALA C 96 -8.59 -33.37 -15.31
N VAL C 97 -8.03 -32.73 -16.33
CA VAL C 97 -8.77 -32.39 -17.53
C VAL C 97 -9.01 -33.62 -18.42
N THR C 98 -8.06 -34.57 -18.38
CA THR C 98 -8.22 -35.85 -19.07
C THR C 98 -9.27 -36.73 -18.37
N LEU C 99 -9.30 -36.65 -17.05
CA LEU C 99 -10.30 -37.36 -16.26
C LEU C 99 -11.66 -36.67 -16.35
N GLY C 100 -11.64 -35.35 -16.55
CA GLY C 100 -12.86 -34.55 -16.73
C GLY C 100 -13.57 -34.83 -18.03
N ILE C 101 -12.80 -35.04 -19.09
CA ILE C 101 -13.34 -35.40 -20.40
C ILE C 101 -13.92 -36.81 -20.35
N ILE C 102 -13.20 -37.74 -19.73
CA ILE C 102 -13.61 -39.15 -19.67
C ILE C 102 -14.78 -39.38 -18.69
N MET C 103 -14.96 -38.47 -17.73
CA MET C 103 -16.13 -38.48 -16.84
C MET C 103 -17.35 -37.89 -17.53
N ALA C 104 -17.11 -36.93 -18.42
CA ALA C 104 -18.18 -36.29 -19.19
C ALA C 104 -18.56 -37.11 -20.43
N ARG C 105 -17.92 -38.27 -20.58
CA ARG C 105 -18.29 -39.23 -21.61
C ARG C 105 -19.01 -40.43 -21.00
N LEU C 106 -18.78 -40.65 -19.70
CA LEU C 106 -19.51 -41.67 -18.93
C LEU C 106 -20.89 -41.12 -18.58
N PHE C 107 -20.92 -39.88 -18.10
CA PHE C 107 -22.15 -39.14 -17.86
C PHE C 107 -22.36 -38.14 -18.99
N ASN C 108 -23.58 -38.10 -19.54
CA ASN C 108 -23.92 -37.11 -20.54
C ASN C 108 -24.60 -35.87 -19.92
N PRO C 109 -23.85 -34.76 -19.82
CA PRO C 109 -24.40 -33.54 -19.23
C PRO C 109 -25.10 -32.66 -20.28
N GLY C 110 -26.42 -32.76 -20.33
CA GLY C 110 -27.24 -31.96 -21.25
C GLY C 110 -27.27 -32.50 -22.67
N ALA C 111 -27.41 -33.82 -22.81
CA ALA C 111 -27.39 -34.47 -24.11
C ALA C 111 -28.64 -34.19 -24.96
N GLY C 112 -29.81 -34.29 -24.33
CA GLY C 112 -31.08 -34.01 -25.01
C GLY C 112 -31.73 -32.74 -24.52
N ILE C 113 -30.95 -31.67 -24.41
CA ILE C 113 -31.42 -30.38 -23.92
C ILE C 113 -31.09 -29.24 -24.91
N HIS C 114 -32.15 -28.59 -25.40
CA HIS C 114 -32.02 -27.39 -26.22
C HIS C 114 -32.32 -26.17 -25.36
N LEU C 115 -31.33 -25.28 -25.23
CA LEU C 115 -31.40 -24.18 -24.26
C LEU C 115 -32.18 -22.97 -24.79
N ALA C 116 -32.86 -22.28 -23.87
CA ALA C 116 -33.53 -21.03 -24.20
C ALA C 116 -32.50 -19.90 -24.33
N VAL C 117 -32.49 -19.25 -25.49
CA VAL C 117 -31.44 -18.31 -25.86
C VAL C 117 -31.86 -16.84 -25.70
N GLY C 118 -31.04 -16.07 -25.01
CA GLY C 118 -31.27 -14.63 -24.84
C GLY C 118 -31.28 -14.15 -23.40
N GLY C 119 -30.74 -14.97 -22.50
CA GLY C 119 -30.68 -14.63 -21.08
C GLY C 119 -29.52 -13.70 -20.75
N GLN C 120 -28.69 -14.13 -19.80
CA GLN C 120 -27.49 -13.38 -19.40
C GLN C 120 -26.46 -13.38 -20.53
N GLN C 121 -25.87 -12.21 -20.77
CA GLN C 121 -24.80 -12.09 -21.76
C GLN C 121 -23.46 -11.89 -21.08
N PHE C 122 -22.42 -12.52 -21.63
CA PHE C 122 -21.09 -12.48 -21.03
C PHE C 122 -20.04 -11.91 -21.98
N GLN C 123 -19.04 -11.27 -21.39
CA GLN C 123 -17.89 -10.78 -22.12
C GLN C 123 -16.62 -11.37 -21.51
N PRO C 124 -15.75 -11.95 -22.36
CA PRO C 124 -14.53 -12.56 -21.84
C PRO C 124 -13.41 -11.52 -21.66
N LYS C 125 -12.88 -11.44 -20.44
CA LYS C 125 -11.77 -10.52 -20.16
C LYS C 125 -10.48 -11.01 -20.83
N GLN C 126 -9.74 -10.08 -21.40
CA GLN C 126 -8.54 -10.38 -22.18
C GLN C 126 -7.43 -10.98 -21.33
N ALA C 127 -6.84 -12.07 -21.81
CA ALA C 127 -5.68 -12.70 -21.17
C ALA C 127 -4.44 -11.85 -21.41
N PRO C 128 -3.78 -11.39 -20.32
CA PRO C 128 -2.58 -10.57 -20.45
C PRO C 128 -1.44 -11.31 -21.17
N PRO C 129 -0.66 -10.60 -22.02
CA PRO C 129 0.43 -11.20 -22.79
C PRO C 129 1.41 -11.98 -21.91
N LEU C 130 1.67 -13.23 -22.30
CA LEU C 130 2.46 -14.18 -21.51
C LEU C 130 3.75 -13.59 -20.93
N VAL C 131 4.41 -12.74 -21.72
CA VAL C 131 5.64 -12.07 -21.30
C VAL C 131 5.40 -11.18 -20.08
N LYS C 132 4.31 -10.42 -20.10
CA LYS C 132 4.01 -9.45 -19.04
C LYS C 132 3.36 -10.05 -17.78
N ILE C 133 3.16 -11.36 -17.76
CA ILE C 133 2.79 -12.05 -16.52
C ILE C 133 4.08 -12.57 -15.90
N LEU C 134 4.93 -13.17 -16.72
CA LEU C 134 6.22 -13.72 -16.31
C LEU C 134 7.14 -12.65 -15.76
N LEU C 135 7.12 -11.48 -16.39
CA LEU C 135 7.91 -10.33 -15.91
C LEU C 135 7.32 -9.71 -14.64
N ASP C 136 6.00 -9.69 -14.55
CA ASP C 136 5.31 -9.08 -13.40
C ASP C 136 5.41 -9.91 -12.11
N ILE C 137 6.07 -11.06 -12.19
CA ILE C 137 6.40 -11.84 -11.01
C ILE C 137 7.50 -11.11 -10.24
N VAL C 138 8.44 -10.52 -10.96
CA VAL C 138 9.49 -9.70 -10.36
C VAL C 138 8.89 -8.35 -9.94
N PRO C 139 8.68 -8.16 -8.62
CA PRO C 139 7.94 -6.99 -8.16
C PRO C 139 8.80 -5.72 -8.08
N THR C 140 8.31 -4.64 -8.69
CA THR C 140 8.99 -3.35 -8.67
C THR C 140 9.09 -2.80 -7.25
N ASN C 141 8.03 -2.99 -6.48
CA ASN C 141 8.01 -2.58 -5.08
C ASN C 141 7.60 -3.75 -4.19
N PRO C 142 8.57 -4.37 -3.49
CA PRO C 142 8.30 -5.49 -2.58
C PRO C 142 7.28 -5.12 -1.52
N PHE C 143 7.34 -3.89 -1.03
CA PHE C 143 6.34 -3.35 -0.11
C PHE C 143 4.98 -3.28 -0.82
N GLY C 144 5.00 -2.88 -2.08
CA GLY C 144 3.79 -2.80 -2.90
C GLY C 144 3.11 -4.14 -2.97
N ALA C 145 3.85 -5.14 -3.46
CA ALA C 145 3.34 -6.50 -3.56
C ALA C 145 2.64 -6.91 -2.27
N LEU C 146 3.37 -6.82 -1.16
CA LEU C 146 2.83 -7.11 0.17
C LEU C 146 1.52 -6.36 0.44
N ALA C 147 1.54 -5.05 0.17
CA ALA C 147 0.45 -4.16 0.55
C ALA C 147 -0.91 -4.53 -0.03
N ASN C 148 -0.91 -5.19 -1.20
CA ASN C 148 -2.17 -5.54 -1.86
C ASN C 148 -2.18 -6.91 -2.57
N GLY C 149 -2.30 -7.98 -1.78
CA GLY C 149 -2.38 -9.34 -2.33
C GLY C 149 -1.07 -9.80 -2.95
N GLN C 150 -1.04 -9.89 -4.28
CA GLN C 150 0.17 -10.20 -5.05
C GLN C 150 0.96 -11.36 -4.44
N VAL C 151 0.41 -12.57 -4.56
CA VAL C 151 1.02 -13.76 -3.96
C VAL C 151 2.33 -14.15 -4.64
N LEU C 152 2.32 -14.22 -5.98
CA LEU C 152 3.51 -14.59 -6.75
C LEU C 152 4.67 -13.59 -6.69
N PRO C 153 4.38 -12.27 -6.79
CA PRO C 153 5.47 -11.30 -6.61
C PRO C 153 6.12 -11.36 -5.22
N THR C 154 5.32 -11.59 -4.18
CA THR C 154 5.83 -11.72 -2.80
C THR C 154 6.70 -12.97 -2.64
N ILE C 155 6.32 -14.05 -3.31
CA ILE C 155 7.12 -15.28 -3.32
C ILE C 155 8.54 -15.00 -3.83
N PHE C 156 8.64 -14.30 -4.95
CA PHE C 156 9.94 -14.00 -5.56
C PHE C 156 10.86 -13.22 -4.63
N PHE C 157 10.32 -12.23 -3.93
CA PHE C 157 11.11 -11.39 -3.03
C PHE C 157 11.51 -12.10 -1.74
N ALA C 158 10.64 -12.98 -1.25
CA ALA C 158 10.90 -13.74 -0.03
C ALA C 158 12.07 -14.71 -0.21
N ILE C 159 12.13 -15.37 -1.36
CA ILE C 159 13.21 -16.29 -1.69
C ILE C 159 14.51 -15.52 -1.93
N ILE C 160 14.42 -14.45 -2.69
CA ILE C 160 15.59 -13.60 -2.98
C ILE C 160 16.18 -13.00 -1.71
N LEU C 161 15.31 -12.52 -0.80
CA LEU C 161 15.77 -12.01 0.49
C LEU C 161 16.27 -13.15 1.38
N GLY C 162 15.62 -14.30 1.29
CA GLY C 162 15.97 -15.48 2.08
C GLY C 162 17.30 -16.10 1.69
N ILE C 163 17.67 -15.97 0.42
CA ILE C 163 18.97 -16.42 -0.06
C ILE C 163 20.06 -15.41 0.29
N ALA C 164 19.71 -14.13 0.27
CA ALA C 164 20.64 -13.06 0.63
C ALA C 164 20.98 -13.09 2.12
N ILE C 165 19.95 -13.31 2.94
CA ILE C 165 20.10 -13.34 4.39
C ILE C 165 20.91 -14.57 4.86
N THR C 166 20.81 -15.67 4.12
CA THR C 166 21.57 -16.89 4.44
C THR C 166 23.04 -16.70 4.04
N TYR C 167 23.26 -15.87 3.02
CA TYR C 167 24.60 -15.46 2.59
C TYR C 167 25.20 -14.50 3.60
N LEU C 168 24.37 -13.55 4.04
CA LEU C 168 24.80 -12.49 4.95
C LEU C 168 25.18 -13.02 6.33
N MET C 169 24.57 -14.14 6.72
CA MET C 169 24.80 -14.76 8.03
C MET C 169 26.21 -15.30 8.20
N ASN C 170 26.61 -16.21 7.31
CA ASN C 170 27.92 -16.85 7.40
C ASN C 170 29.04 -16.03 6.73
N SER C 171 28.92 -14.71 6.80
CA SER C 171 30.00 -13.80 6.40
C SER C 171 31.02 -13.72 7.53
N GLU C 172 32.27 -13.42 7.19
CA GLU C 172 33.38 -13.39 8.16
C GLU C 172 33.24 -12.26 9.20
N ASN C 173 32.59 -11.17 8.81
CA ASN C 173 32.34 -10.05 9.71
C ASN C 173 31.18 -10.38 10.66
N GLU C 174 31.43 -10.24 11.96
CA GLU C 174 30.44 -10.59 12.99
C GLU C 174 29.59 -9.40 13.45
N LYS C 175 29.94 -8.20 12.99
CA LYS C 175 29.10 -7.01 13.18
C LYS C 175 27.94 -7.04 12.19
N VAL C 176 28.16 -7.69 11.04
CA VAL C 176 27.13 -7.85 10.02
C VAL C 176 26.32 -9.14 10.24
N ARG C 177 26.92 -10.09 10.95
CA ARG C 177 26.27 -11.37 11.27
C ARG C 177 25.13 -11.22 12.26
N LYS C 178 25.26 -10.27 13.19
CA LYS C 178 24.22 -9.97 14.17
C LYS C 178 23.01 -9.28 13.51
N SER C 179 23.27 -8.51 12.46
CA SER C 179 22.22 -7.85 11.68
C SER C 179 21.40 -8.87 10.91
N ALA C 180 22.08 -9.87 10.35
CA ALA C 180 21.46 -10.91 9.52
C ALA C 180 20.58 -11.87 10.34
N GLU C 181 20.93 -12.06 11.61
CA GLU C 181 20.18 -12.93 12.49
C GLU C 181 18.94 -12.24 13.07
N THR C 182 19.14 -11.08 13.70
CA THR C 182 18.03 -10.33 14.33
C THR C 182 16.87 -10.12 13.36
N LEU C 183 17.20 -9.80 12.11
CA LEU C 183 16.21 -9.69 11.04
C LEU C 183 15.52 -11.05 10.80
N LEU C 184 16.33 -12.10 10.64
CA LEU C 184 15.81 -13.43 10.32
C LEU C 184 14.90 -13.96 11.43
N ASP C 185 15.34 -13.79 12.68
CA ASP C 185 14.58 -14.27 13.83
C ASP C 185 13.26 -13.52 14.02
N ALA C 186 13.29 -12.21 13.81
CA ALA C 186 12.08 -11.38 13.91
C ALA C 186 11.06 -11.77 12.84
N ILE C 187 11.54 -12.03 11.63
CA ILE C 187 10.70 -12.48 10.52
C ILE C 187 10.12 -13.87 10.83
N ASN C 188 10.92 -14.72 11.46
CA ASN C 188 10.44 -16.02 11.95
C ASN C 188 9.45 -15.86 13.11
N GLY C 189 9.67 -14.83 13.92
CA GLY C 189 8.76 -14.47 15.00
C GLY C 189 7.38 -14.12 14.48
N LEU C 190 7.34 -13.35 13.38
CA LEU C 190 6.10 -13.03 12.70
C LEU C 190 5.45 -14.28 12.13
N ALA C 191 6.25 -15.12 11.46
CA ALA C 191 5.79 -16.39 10.92
C ALA C 191 5.16 -17.25 12.03
N GLU C 192 5.92 -17.44 13.11
CA GLU C 192 5.47 -18.23 14.26
C GLU C 192 4.20 -17.66 14.88
N ALA C 193 4.08 -16.33 14.89
CA ALA C 193 2.88 -15.67 15.42
C ALA C 193 1.66 -16.02 14.56
N MET C 194 1.85 -16.06 13.25
CA MET C 194 0.75 -16.32 12.32
C MET C 194 0.19 -17.75 12.46
N TYR C 195 1.08 -18.74 12.50
CA TYR C 195 0.67 -20.13 12.74
C TYR C 195 -0.07 -20.26 14.06
N LYS C 196 0.34 -19.48 15.06
CA LYS C 196 -0.30 -19.46 16.37
C LYS C 196 -1.70 -18.85 16.29
N ILE C 197 -1.89 -17.86 15.43
CA ILE C 197 -3.22 -17.28 15.20
C ILE C 197 -4.12 -18.24 14.42
N VAL C 198 -3.53 -18.99 13.49
CA VAL C 198 -4.28 -19.97 12.69
C VAL C 198 -5.13 -20.83 13.62
N ASN C 199 -4.48 -21.42 14.63
CA ASN C 199 -5.17 -22.21 15.65
C ASN C 199 -6.32 -21.46 16.30
N GLY C 200 -6.08 -20.19 16.65
CA GLY C 200 -7.12 -19.33 17.22
C GLY C 200 -8.31 -19.16 16.29
N VAL C 201 -8.03 -18.86 15.03
CA VAL C 201 -9.08 -18.68 14.02
C VAL C 201 -9.78 -20.02 13.76
N MET C 202 -8.99 -21.09 13.77
CA MET C 202 -9.53 -22.44 13.55
C MET C 202 -10.57 -22.84 14.59
N GLN C 203 -10.52 -22.23 15.77
CA GLN C 203 -11.51 -22.50 16.82
C GLN C 203 -12.88 -21.96 16.42
N TYR C 204 -12.87 -20.92 15.60
CA TYR C 204 -14.11 -20.32 15.09
C TYR C 204 -14.62 -21.06 13.85
N ALA C 205 -13.79 -21.95 13.30
CA ALA C 205 -14.11 -22.67 12.07
C ALA C 205 -15.49 -23.33 12.02
N PRO C 206 -15.91 -24.05 13.08
CA PRO C 206 -17.25 -24.65 13.09
C PRO C 206 -18.39 -23.70 12.73
N ILE C 207 -18.39 -22.49 13.31
CA ILE C 207 -19.43 -21.49 13.05
C ILE C 207 -19.37 -21.00 11.59
N GLY C 208 -18.15 -20.77 11.11
CA GLY C 208 -17.93 -20.33 9.73
C GLY C 208 -18.25 -21.42 8.72
N VAL C 209 -17.78 -22.63 8.99
CA VAL C 209 -18.08 -23.81 8.18
C VAL C 209 -19.59 -24.05 8.12
N PHE C 210 -20.26 -23.89 9.26
CA PHE C 210 -21.71 -23.99 9.35
C PHE C 210 -22.40 -22.97 8.44
N ALA C 211 -22.01 -21.71 8.58
CA ALA C 211 -22.66 -20.60 7.87
C ALA C 211 -22.38 -20.59 6.38
N LEU C 212 -21.13 -20.88 6.01
CA LEU C 212 -20.71 -20.84 4.60
C LEU C 212 -21.51 -21.80 3.72
N ILE C 213 -21.57 -23.06 4.11
CA ILE C 213 -22.32 -24.08 3.36
C ILE C 213 -23.80 -24.14 3.76
N ALA C 214 -24.18 -23.31 4.74
CA ALA C 214 -25.59 -23.08 5.05
C ALA C 214 -26.15 -22.10 4.02
N TYR C 215 -25.28 -21.25 3.49
CA TYR C 215 -25.62 -20.29 2.46
C TYR C 215 -25.63 -20.95 1.07
N VAL C 216 -24.56 -21.69 0.77
CA VAL C 216 -24.38 -22.33 -0.54
C VAL C 216 -25.48 -23.35 -0.85
N MET C 217 -25.83 -24.17 0.14
CA MET C 217 -26.87 -25.18 -0.03
C MET C 217 -28.28 -24.58 -0.03
N ALA C 218 -28.43 -23.39 0.55
CA ALA C 218 -29.72 -22.70 0.58
C ALA C 218 -29.98 -21.91 -0.70
N GLU C 219 -28.94 -21.23 -1.17
CA GLU C 219 -29.03 -20.34 -2.34
C GLU C 219 -28.79 -21.05 -3.66
N GLN C 220 -28.22 -22.25 -3.62
CA GLN C 220 -27.80 -22.94 -4.83
C GLN C 220 -28.09 -24.45 -4.81
N GLY C 221 -28.36 -24.97 -3.61
CA GLY C 221 -28.65 -26.39 -3.43
C GLY C 221 -30.01 -26.84 -3.92
N VAL C 222 -30.92 -25.89 -4.09
CA VAL C 222 -32.27 -26.19 -4.60
C VAL C 222 -32.23 -26.41 -6.12
N LYS C 223 -31.26 -25.78 -6.78
CA LYS C 223 -31.10 -25.89 -8.22
C LYS C 223 -30.25 -27.10 -8.66
N VAL C 224 -29.81 -27.91 -7.69
CA VAL C 224 -28.96 -29.06 -7.98
C VAL C 224 -29.66 -30.16 -8.79
N VAL C 225 -30.95 -30.36 -8.53
CA VAL C 225 -31.75 -31.39 -9.20
C VAL C 225 -32.08 -30.99 -10.63
N GLY C 226 -32.21 -31.98 -11.51
CA GLY C 226 -32.51 -31.76 -12.93
C GLY C 226 -31.39 -32.26 -13.82
N GLU C 227 -31.24 -31.62 -14.98
CA GLU C 227 -30.12 -31.93 -15.87
C GLU C 227 -28.81 -31.35 -15.34
N LEU C 228 -28.93 -30.45 -14.37
CA LEU C 228 -27.79 -29.90 -13.65
C LEU C 228 -27.25 -30.90 -12.63
N ALA C 229 -28.06 -31.89 -12.29
CA ALA C 229 -27.66 -32.98 -11.40
C ALA C 229 -26.61 -33.88 -12.03
N LYS C 230 -26.77 -34.13 -13.33
CA LYS C 230 -25.83 -34.95 -14.10
C LYS C 230 -24.48 -34.26 -14.28
N VAL C 231 -24.47 -32.94 -14.15
CA VAL C 231 -23.23 -32.16 -14.18
C VAL C 231 -22.52 -32.29 -12.83
N THR C 232 -23.24 -31.99 -11.76
CA THR C 232 -22.71 -32.06 -10.39
C THR C 232 -22.18 -33.45 -10.03
N ALA C 233 -22.85 -34.49 -10.53
CA ALA C 233 -22.41 -35.87 -10.32
C ALA C 233 -21.12 -36.17 -11.09
N ALA C 234 -21.05 -35.72 -12.34
CA ALA C 234 -19.88 -35.92 -13.18
C ALA C 234 -18.66 -35.12 -12.71
N VAL C 235 -18.93 -34.01 -12.02
CA VAL C 235 -17.87 -33.22 -11.40
C VAL C 235 -17.40 -33.89 -10.11
N TYR C 236 -18.33 -34.14 -9.18
CA TYR C 236 -18.01 -34.71 -7.87
C TYR C 236 -17.41 -36.11 -7.92
N VAL C 237 -18.04 -37.02 -8.67
CA VAL C 237 -17.53 -38.39 -8.82
C VAL C 237 -16.18 -38.37 -9.54
N GLY C 238 -15.99 -37.38 -10.41
CA GLY C 238 -14.70 -37.13 -11.04
C GLY C 238 -13.65 -36.66 -10.03
N LEU C 239 -14.07 -35.79 -9.12
CA LEU C 239 -13.20 -35.33 -8.03
C LEU C 239 -12.88 -36.47 -7.07
N THR C 240 -13.89 -37.28 -6.76
CA THR C 240 -13.74 -38.47 -5.91
C THR C 240 -12.77 -39.47 -6.55
N LEU C 241 -12.92 -39.67 -7.85
CA LEU C 241 -12.12 -40.63 -8.60
C LEU C 241 -10.67 -40.18 -8.78
N GLN C 242 -10.44 -38.86 -8.79
CA GLN C 242 -9.10 -38.33 -8.94
C GLN C 242 -8.26 -38.47 -7.67
N ILE C 243 -8.90 -38.30 -6.52
CA ILE C 243 -8.24 -38.48 -5.23
C ILE C 243 -7.80 -39.94 -5.07
N LEU C 244 -8.70 -40.87 -5.40
CA LEU C 244 -8.45 -42.29 -5.23
C LEU C 244 -7.52 -42.91 -6.30
N LEU C 245 -7.39 -42.25 -7.45
CA LEU C 245 -6.58 -42.79 -8.54
C LEU C 245 -5.32 -42.01 -8.91
N VAL C 246 -5.26 -40.73 -8.59
CA VAL C 246 -4.07 -39.92 -8.93
C VAL C 246 -3.30 -39.41 -7.69
N TYR C 247 -3.99 -39.30 -6.55
CA TYR C 247 -3.33 -38.91 -5.31
C TYR C 247 -2.94 -40.14 -4.48
N PHE C 248 -3.92 -40.98 -4.19
CA PHE C 248 -3.72 -42.21 -3.41
C PHE C 248 -2.72 -43.18 -4.07
N VAL C 249 -2.61 -43.09 -5.40
CA VAL C 249 -1.64 -43.88 -6.15
C VAL C 249 -0.25 -43.24 -6.12
N LEU C 250 -0.19 -41.93 -6.37
CA LEU C 250 1.08 -41.20 -6.32
C LEU C 250 1.69 -41.12 -4.92
N LEU C 251 0.83 -41.17 -3.89
CA LEU C 251 1.30 -41.21 -2.50
C LEU C 251 1.91 -42.57 -2.19
N LYS C 252 1.27 -43.63 -2.67
CA LYS C 252 1.74 -45.00 -2.44
C LYS C 252 3.05 -45.30 -3.18
N ILE C 253 3.15 -44.84 -4.41
CA ILE C 253 4.34 -45.07 -5.26
C ILE C 253 5.59 -44.34 -4.76
N TYR C 254 5.40 -43.34 -3.91
CA TYR C 254 6.51 -42.58 -3.33
C TYR C 254 6.76 -42.85 -1.84
N GLY C 255 6.15 -43.92 -1.33
CA GLY C 255 6.41 -44.41 0.03
C GLY C 255 5.92 -43.54 1.16
N ILE C 256 4.64 -43.16 1.11
CA ILE C 256 4.00 -42.41 2.18
C ILE C 256 2.54 -42.85 2.30
N ASP C 257 2.06 -42.97 3.54
CA ASP C 257 0.72 -43.50 3.80
C ASP C 257 -0.40 -42.55 3.33
N PRO C 258 -1.29 -43.06 2.46
CA PRO C 258 -2.42 -42.28 1.95
C PRO C 258 -3.49 -42.02 3.03
N ILE C 259 -3.71 -43.01 3.88
CA ILE C 259 -4.72 -42.94 4.96
C ILE C 259 -4.28 -41.94 6.04
N SER C 260 -2.99 -41.95 6.36
CA SER C 260 -2.42 -41.02 7.35
C SER C 260 -2.31 -39.60 6.78
N PHE C 261 -2.30 -39.49 5.46
CA PHE C 261 -2.20 -38.20 4.78
C PHE C 261 -3.50 -37.38 4.92
N ILE C 262 -4.63 -38.01 4.63
CA ILE C 262 -5.95 -37.37 4.68
C ILE C 262 -6.35 -36.99 6.11
N LYS C 263 -5.89 -37.78 7.08
CA LYS C 263 -6.11 -37.54 8.50
C LYS C 263 -5.50 -36.21 8.95
N LYS C 264 -4.25 -35.98 8.57
CA LYS C 264 -3.52 -34.77 8.94
C LYS C 264 -3.94 -33.56 8.11
N ALA C 265 -4.31 -33.81 6.86
CA ALA C 265 -4.68 -32.74 5.93
C ALA C 265 -6.19 -32.45 5.89
N LYS C 266 -6.94 -33.04 6.81
CA LYS C 266 -8.39 -32.87 6.88
C LYS C 266 -8.80 -31.44 7.24
N ASP C 267 -7.99 -30.79 8.07
CA ASP C 267 -8.20 -29.37 8.44
C ASP C 267 -8.05 -28.43 7.24
N ALA C 268 -7.03 -28.71 6.43
CA ALA C 268 -6.72 -27.90 5.25
C ALA C 268 -7.59 -28.26 4.05
N MET C 269 -8.45 -29.27 4.22
CA MET C 269 -9.29 -29.76 3.13
C MET C 269 -10.76 -29.34 3.31
N LEU C 270 -11.21 -29.28 4.56
CA LEU C 270 -12.57 -28.87 4.88
C LEU C 270 -12.73 -27.36 4.79
N THR C 271 -11.73 -26.63 5.28
CA THR C 271 -11.71 -25.17 5.18
C THR C 271 -11.68 -24.75 3.71
N ALA C 272 -10.84 -25.42 2.93
CA ALA C 272 -10.77 -25.20 1.50
C ALA C 272 -12.11 -25.48 0.82
N PHE C 273 -12.83 -26.50 1.31
CA PHE C 273 -14.14 -26.86 0.77
C PHE C 273 -15.19 -25.78 1.04
N VAL C 274 -15.29 -25.32 2.29
CA VAL C 274 -16.31 -24.36 2.68
C VAL C 274 -16.01 -22.92 2.26
N THR C 275 -14.73 -22.58 2.20
CA THR C 275 -14.28 -21.23 1.86
C THR C 275 -14.28 -21.00 0.35
N ARG C 276 -13.96 -22.07 -0.39
CA ARG C 276 -13.82 -22.03 -1.85
C ARG C 276 -12.67 -21.12 -2.30
N SER C 277 -11.76 -20.83 -1.38
CA SER C 277 -10.61 -19.99 -1.67
C SER C 277 -9.31 -20.76 -1.37
N SER C 278 -8.54 -21.02 -2.43
CA SER C 278 -7.26 -21.72 -2.30
C SER C 278 -6.28 -20.94 -1.45
N SER C 279 -6.05 -19.68 -1.81
CA SER C 279 -5.17 -18.79 -1.05
C SER C 279 -5.80 -18.40 0.28
N GLY C 280 -7.12 -18.26 0.31
CA GLY C 280 -7.86 -17.95 1.53
C GLY C 280 -7.58 -18.92 2.67
N THR C 281 -7.43 -20.20 2.34
CA THR C 281 -7.18 -21.24 3.34
C THR C 281 -5.70 -21.61 3.44
N LEU C 282 -4.85 -20.81 2.80
CA LEU C 282 -3.41 -21.08 2.73
C LEU C 282 -2.66 -21.09 4.08
N PRO C 283 -3.12 -20.30 5.08
CA PRO C 283 -2.54 -20.47 6.40
C PRO C 283 -2.78 -21.87 6.98
N VAL C 284 -4.00 -22.39 6.82
CA VAL C 284 -4.36 -23.72 7.28
C VAL C 284 -3.66 -24.80 6.45
N THR C 285 -3.57 -24.56 5.13
CA THR C 285 -2.85 -25.44 4.21
C THR C 285 -1.37 -25.52 4.59
N MET C 286 -0.83 -24.42 5.12
CA MET C 286 0.55 -24.38 5.58
C MET C 286 0.75 -24.99 6.96
N ARG C 287 -0.16 -24.70 7.89
CA ARG C 287 -0.10 -25.21 9.26
C ARG C 287 -0.21 -26.73 9.28
N VAL C 288 -1.01 -27.27 8.36
CA VAL C 288 -1.17 -28.70 8.20
C VAL C 288 0.10 -29.38 7.68
N ALA C 289 0.88 -28.65 6.88
CA ALA C 289 2.14 -29.16 6.34
C ALA C 289 3.27 -29.17 7.39
N LYS C 290 3.23 -28.20 8.30
CA LYS C 290 4.21 -28.12 9.39
C LYS C 290 4.01 -29.28 10.37
N GLU C 291 2.76 -29.54 10.72
CA GLU C 291 2.38 -30.65 11.61
C GLU C 291 2.52 -32.00 10.91
N MET C 292 2.64 -31.97 9.58
CA MET C 292 2.90 -33.15 8.78
C MET C 292 4.38 -33.56 8.93
N GLY C 293 5.24 -32.57 9.15
CA GLY C 293 6.66 -32.81 9.39
C GLY C 293 7.60 -32.19 8.37
N ILE C 294 7.01 -31.70 7.27
CA ILE C 294 7.78 -31.12 6.17
C ILE C 294 8.55 -29.87 6.61
N SER C 295 9.77 -29.74 6.11
CA SER C 295 10.65 -28.61 6.43
C SER C 295 10.14 -27.32 5.78
N GLU C 296 10.36 -26.20 6.47
CA GLU C 296 9.92 -24.88 5.98
C GLU C 296 10.45 -24.55 4.60
N GLY C 297 11.70 -24.94 4.33
CA GLY C 297 12.36 -24.68 3.05
C GLY C 297 11.67 -25.24 1.81
N ILE C 298 10.62 -26.03 2.01
CA ILE C 298 9.89 -26.66 0.92
C ILE C 298 8.43 -26.23 0.87
N TYR C 299 7.71 -26.41 1.98
CA TYR C 299 6.27 -26.13 2.02
C TYR C 299 5.92 -24.64 1.99
N SER C 300 6.84 -23.78 2.45
CA SER C 300 6.64 -22.33 2.40
C SER C 300 6.85 -21.78 0.99
N PHE C 301 7.37 -22.63 0.10
CA PHE C 301 7.56 -22.29 -1.30
C PHE C 301 6.50 -22.95 -2.19
N THR C 302 6.28 -24.25 -1.96
CA THR C 302 5.43 -25.07 -2.83
C THR C 302 3.92 -24.79 -2.69
N LEU C 303 3.47 -24.56 -1.46
CA LEU C 303 2.04 -24.37 -1.18
C LEU C 303 1.45 -23.04 -1.68
N PRO C 304 2.19 -21.91 -1.51
CA PRO C 304 1.68 -20.65 -2.07
C PRO C 304 1.74 -20.61 -3.59
N LEU C 305 2.73 -21.28 -4.17
CA LEU C 305 2.85 -21.42 -5.62
C LEU C 305 1.74 -22.30 -6.15
N GLY C 306 1.45 -23.37 -5.40
CA GLY C 306 0.37 -24.31 -5.74
C GLY C 306 -1.01 -23.72 -5.57
N ALA C 307 -1.12 -22.72 -4.70
CA ALA C 307 -2.37 -21.98 -4.49
C ALA C 307 -2.76 -21.19 -5.73
N THR C 308 -1.79 -20.97 -6.62
CA THR C 308 -1.99 -20.16 -7.82
C THR C 308 -1.97 -20.99 -9.10
N ILE C 309 -1.09 -21.98 -9.14
CA ILE C 309 -0.83 -22.73 -10.37
C ILE C 309 -1.52 -24.11 -10.43
N ASN C 310 -1.41 -24.90 -9.36
CA ASN C 310 -2.00 -26.24 -9.32
C ASN C 310 -3.51 -26.25 -9.11
N MET C 311 -4.25 -25.96 -10.18
CA MET C 311 -5.71 -25.92 -10.17
C MET C 311 -6.26 -27.24 -10.70
N ASP C 312 -6.03 -28.32 -9.96
CA ASP C 312 -6.43 -29.67 -10.36
C ASP C 312 -7.95 -29.80 -10.50
N GLY C 313 -8.67 -29.55 -9.41
CA GLY C 313 -10.13 -29.62 -9.40
C GLY C 313 -10.82 -28.65 -10.35
N THR C 314 -10.13 -27.54 -10.66
CA THR C 314 -10.64 -26.55 -11.60
C THR C 314 -10.57 -27.06 -13.04
N ALA C 315 -9.46 -27.69 -13.39
CA ALA C 315 -9.27 -28.28 -14.73
C ALA C 315 -10.19 -29.48 -14.98
N LEU C 316 -10.59 -30.14 -13.89
CA LEU C 316 -11.55 -31.24 -13.92
C LEU C 316 -12.97 -30.71 -14.14
N TYR C 317 -13.22 -29.49 -13.66
CA TYR C 317 -14.46 -28.77 -13.94
C TYR C 317 -14.45 -28.24 -15.37
N GLN C 318 -13.28 -27.75 -15.80
CA GLN C 318 -13.10 -27.19 -17.14
C GLN C 318 -13.22 -28.22 -18.26
N GLY C 319 -13.13 -29.50 -17.90
CA GLY C 319 -13.34 -30.58 -18.86
C GLY C 319 -14.82 -30.93 -19.00
N VAL C 320 -15.52 -30.94 -17.87
CA VAL C 320 -16.94 -31.31 -17.82
C VAL C 320 -17.88 -30.09 -18.01
N CYS C 321 -17.30 -28.92 -18.15
CA CYS C 321 -18.06 -27.72 -18.51
C CYS C 321 -17.97 -27.51 -20.03
N THR C 322 -16.82 -27.82 -20.59
CA THR C 322 -16.61 -27.79 -22.04
C THR C 322 -17.52 -28.80 -22.74
N PHE C 323 -17.72 -29.95 -22.09
CA PHE C 323 -18.62 -30.99 -22.60
C PHE C 323 -20.09 -30.70 -22.35
N PHE C 324 -20.39 -29.95 -21.28
CA PHE C 324 -21.77 -29.56 -20.98
C PHE C 324 -22.28 -28.58 -22.03
N ILE C 325 -21.48 -27.57 -22.33
CA ILE C 325 -21.80 -26.58 -23.36
C ILE C 325 -21.89 -27.21 -24.75
N ALA C 326 -21.03 -28.22 -24.99
CA ALA C 326 -21.00 -28.93 -26.26
C ALA C 326 -22.25 -29.78 -26.51
N ASN C 327 -22.71 -30.50 -25.49
CA ASN C 327 -23.90 -31.33 -25.60
C ASN C 327 -25.20 -30.52 -25.67
N ALA C 328 -25.21 -29.36 -25.02
CA ALA C 328 -26.36 -28.46 -25.03
C ALA C 328 -26.61 -27.83 -26.40
N LEU C 329 -25.54 -27.71 -27.19
CA LEU C 329 -25.63 -27.21 -28.57
C LEU C 329 -25.86 -28.36 -29.56
N GLY C 330 -25.56 -29.57 -29.14
CA GLY C 330 -25.72 -30.76 -29.99
C GLY C 330 -24.49 -31.05 -30.84
N SER C 331 -23.38 -30.40 -30.50
CA SER C 331 -22.11 -30.60 -31.20
C SER C 331 -21.17 -31.47 -30.37
N HIS C 332 -20.94 -32.70 -30.82
CA HIS C 332 -20.07 -33.63 -30.10
C HIS C 332 -18.63 -33.52 -30.61
N LEU C 333 -17.69 -33.44 -29.67
CA LEU C 333 -16.27 -33.19 -29.98
C LEU C 333 -15.55 -34.47 -30.39
N THR C 334 -14.76 -34.38 -31.46
CA THR C 334 -14.09 -35.54 -32.03
C THR C 334 -12.83 -35.97 -31.25
N VAL C 335 -12.19 -37.06 -31.71
CA VAL C 335 -11.00 -37.63 -31.07
C VAL C 335 -9.83 -36.64 -30.91
N GLY C 336 -9.54 -35.89 -31.98
CA GLY C 336 -8.44 -34.93 -31.98
C GLY C 336 -8.75 -33.64 -31.24
N GLN C 337 -10.04 -33.34 -31.08
CA GLN C 337 -10.49 -32.15 -30.36
C GLN C 337 -10.43 -32.31 -28.85
N GLN C 338 -10.56 -33.55 -28.37
CA GLN C 338 -10.54 -33.83 -26.94
C GLN C 338 -9.15 -33.64 -26.33
N LEU C 339 -8.11 -33.84 -27.14
CA LEU C 339 -6.73 -33.59 -26.73
C LEU C 339 -6.37 -32.11 -26.78
N THR C 340 -7.04 -31.36 -27.65
CA THR C 340 -6.77 -29.93 -27.81
C THR C 340 -7.38 -29.08 -26.67
N ILE C 341 -8.33 -29.66 -25.94
CA ILE C 341 -8.87 -29.04 -24.72
C ILE C 341 -7.87 -29.23 -23.58
N VAL C 342 -7.24 -30.39 -23.54
CA VAL C 342 -6.24 -30.74 -22.53
C VAL C 342 -5.03 -29.80 -22.58
N LEU C 343 -4.58 -29.49 -23.80
CA LEU C 343 -3.44 -28.58 -24.01
C LEU C 343 -3.68 -27.20 -23.42
N THR C 344 -4.76 -26.55 -23.86
CA THR C 344 -5.03 -25.15 -23.52
C THR C 344 -5.51 -24.94 -22.08
N ALA C 345 -6.04 -26.00 -21.45
CA ALA C 345 -6.45 -25.95 -20.05
C ALA C 345 -5.24 -25.89 -19.12
N VAL C 346 -4.19 -26.62 -19.49
CA VAL C 346 -2.91 -26.62 -18.76
C VAL C 346 -2.16 -25.32 -19.01
N LEU C 347 -2.15 -24.87 -20.26
CA LEU C 347 -1.51 -23.61 -20.65
C LEU C 347 -2.31 -22.38 -20.23
N ALA C 348 -3.53 -22.61 -19.73
CA ALA C 348 -4.37 -21.54 -19.18
C ALA C 348 -4.01 -21.26 -17.72
N SER C 349 -3.41 -22.23 -17.05
CA SER C 349 -2.94 -22.08 -15.66
C SER C 349 -1.67 -21.21 -15.56
N ILE C 350 -0.97 -21.07 -16.69
CA ILE C 350 0.22 -20.21 -16.80
C ILE C 350 -0.14 -18.91 -17.52
N GLY C 351 -1.07 -19.00 -18.48
CA GLY C 351 -1.58 -17.83 -19.20
C GLY C 351 -2.41 -16.90 -18.33
N THR C 352 -2.83 -17.40 -17.18
CA THR C 352 -3.48 -16.58 -16.16
C THR C 352 -2.49 -16.31 -15.01
N ALA C 353 -2.04 -17.39 -14.34
CA ALA C 353 -1.10 -17.31 -13.21
C ALA C 353 -1.49 -16.26 -12.15
N GLY C 354 -0.71 -15.19 -12.04
CA GLY C 354 -0.93 -14.16 -11.03
C GLY C 354 -2.17 -13.30 -11.23
N VAL C 355 -2.60 -13.19 -12.49
CA VAL C 355 -3.75 -12.36 -12.89
C VAL C 355 -5.05 -12.80 -12.18
N PRO C 356 -5.73 -11.84 -11.51
CA PRO C 356 -7.01 -12.08 -10.83
C PRO C 356 -8.15 -12.42 -11.78
N GLY C 357 -9.15 -13.15 -11.29
CA GLY C 357 -10.27 -13.61 -12.11
C GLY C 357 -9.90 -14.80 -12.97
N ALA C 358 -9.03 -15.66 -12.42
CA ALA C 358 -8.50 -16.83 -13.11
C ALA C 358 -9.60 -17.78 -13.60
N GLY C 359 -10.32 -18.42 -12.67
CA GLY C 359 -11.35 -19.42 -12.99
C GLY C 359 -12.40 -19.03 -14.01
N ALA C 360 -12.45 -17.75 -14.37
CA ALA C 360 -13.41 -17.23 -15.36
C ALA C 360 -12.77 -16.99 -16.73
N ILE C 361 -11.63 -16.30 -16.76
CA ILE C 361 -10.90 -16.02 -18.00
C ILE C 361 -10.13 -17.25 -18.50
N MET C 362 -9.77 -18.13 -17.55
CA MET C 362 -9.10 -19.39 -17.83
C MET C 362 -10.01 -20.28 -18.67
N LEU C 363 -11.28 -20.35 -18.26
CA LEU C 363 -12.30 -21.12 -18.98
C LEU C 363 -12.70 -20.44 -20.29
N ALA C 364 -12.61 -19.11 -20.31
CA ALA C 364 -12.95 -18.32 -21.50
C ALA C 364 -12.06 -18.67 -22.70
N MET C 365 -10.78 -18.90 -22.44
CA MET C 365 -9.81 -19.25 -23.48
C MET C 365 -9.79 -20.75 -23.78
N VAL C 366 -10.31 -21.55 -22.85
CA VAL C 366 -10.45 -23.00 -23.04
C VAL C 366 -11.62 -23.30 -23.99
N LEU C 367 -12.76 -22.65 -23.74
CA LEU C 367 -13.94 -22.78 -24.59
C LEU C 367 -13.69 -22.25 -26.00
N GLU C 368 -12.85 -21.22 -26.08
CA GLU C 368 -12.54 -20.54 -27.34
C GLU C 368 -11.63 -21.38 -28.24
N SER C 369 -10.67 -22.08 -27.64
CA SER C 369 -9.66 -22.84 -28.39
C SER C 369 -10.20 -24.07 -29.10
N VAL C 370 -11.32 -24.62 -28.61
CA VAL C 370 -11.98 -25.74 -29.27
C VAL C 370 -13.00 -25.25 -30.31
N GLY C 371 -13.45 -24.01 -30.15
CA GLY C 371 -14.36 -23.37 -31.10
C GLY C 371 -15.76 -23.10 -30.56
N LEU C 372 -15.84 -22.72 -29.29
CA LEU C 372 -17.12 -22.36 -28.67
C LEU C 372 -17.01 -21.06 -27.89
N PRO C 373 -17.07 -19.91 -28.59
CA PRO C 373 -16.92 -18.59 -27.96
C PRO C 373 -18.02 -18.27 -26.95
N LEU C 374 -17.64 -17.58 -25.88
CA LEU C 374 -18.58 -17.19 -24.81
C LEU C 374 -19.46 -16.02 -25.22
N THR C 375 -19.07 -15.34 -26.30
CA THR C 375 -19.81 -14.20 -26.84
C THR C 375 -21.11 -14.62 -27.53
N ASP C 376 -21.12 -15.82 -28.10
CA ASP C 376 -22.30 -16.39 -28.76
C ASP C 376 -23.43 -16.59 -27.74
N PRO C 377 -24.60 -15.98 -27.98
CA PRO C 377 -25.77 -16.11 -27.09
C PRO C 377 -26.22 -17.55 -26.88
N ASN C 378 -25.93 -18.43 -27.84
CA ASN C 378 -26.20 -19.86 -27.71
C ASN C 378 -25.35 -20.53 -26.62
N VAL C 379 -24.07 -20.15 -26.56
CA VAL C 379 -23.14 -20.66 -25.56
C VAL C 379 -23.36 -19.93 -24.22
N ALA C 380 -23.52 -18.62 -24.29
CA ALA C 380 -23.69 -17.77 -23.10
C ALA C 380 -24.92 -18.13 -22.27
N ALA C 381 -26.00 -18.53 -22.95
CA ALA C 381 -27.23 -18.95 -22.26
C ALA C 381 -27.04 -20.31 -21.57
N ALA C 382 -26.24 -21.19 -22.17
CA ALA C 382 -25.95 -22.51 -21.63
C ALA C 382 -24.95 -22.43 -20.46
N TYR C 383 -23.98 -21.54 -20.59
CA TYR C 383 -22.99 -21.28 -19.54
C TYR C 383 -23.64 -20.59 -18.34
N ALA C 384 -24.73 -19.86 -18.59
CA ALA C 384 -25.50 -19.20 -17.54
C ALA C 384 -26.15 -20.21 -16.60
N MET C 385 -26.53 -21.36 -17.14
CA MET C 385 -27.12 -22.45 -16.37
C MET C 385 -26.07 -23.10 -15.46
N ILE C 386 -24.85 -23.22 -15.96
CA ILE C 386 -23.71 -23.75 -15.20
C ILE C 386 -23.41 -22.89 -13.97
N LEU C 387 -23.49 -21.57 -14.16
CA LEU C 387 -23.24 -20.61 -13.07
C LEU C 387 -24.29 -20.69 -11.98
N GLY C 388 -25.47 -21.20 -12.32
CA GLY C 388 -26.57 -21.38 -11.37
C GLY C 388 -26.28 -22.41 -10.30
N ILE C 389 -25.20 -23.18 -10.49
CA ILE C 389 -24.72 -24.17 -9.53
C ILE C 389 -23.19 -24.12 -9.39
N ASP C 390 -22.63 -22.92 -9.58
CA ASP C 390 -21.18 -22.72 -9.62
C ASP C 390 -20.51 -22.84 -8.25
N ALA C 391 -21.20 -22.41 -7.21
CA ALA C 391 -20.68 -22.49 -5.84
C ALA C 391 -20.78 -23.92 -5.27
N ILE C 392 -21.68 -24.73 -5.83
CA ILE C 392 -21.80 -26.14 -5.46
C ILE C 392 -20.60 -26.92 -5.98
N LEU C 393 -20.17 -26.59 -7.20
CA LEU C 393 -18.99 -27.20 -7.80
C LEU C 393 -17.71 -26.61 -7.22
N ASP C 394 -17.69 -25.29 -7.02
CA ASP C 394 -16.53 -24.56 -6.48
C ASP C 394 -16.03 -25.12 -5.15
N MET C 395 -16.95 -25.58 -4.31
CA MET C 395 -16.60 -26.22 -3.04
C MET C 395 -15.72 -27.45 -3.26
N GLY C 396 -16.19 -28.35 -4.12
CA GLY C 396 -15.46 -29.57 -4.44
C GLY C 396 -14.15 -29.32 -5.18
N CYS C 397 -14.21 -28.41 -6.14
CA CYS C 397 -13.03 -28.06 -6.95
C CYS C 397 -11.90 -27.48 -6.10
N THR C 398 -12.24 -26.59 -5.17
CA THR C 398 -11.25 -25.95 -4.31
C THR C 398 -10.66 -26.93 -3.29
N MET C 399 -11.47 -27.91 -2.88
CA MET C 399 -11.01 -28.95 -1.97
C MET C 399 -9.92 -29.81 -2.64
N VAL C 400 -10.17 -30.17 -3.89
CA VAL C 400 -9.23 -30.98 -4.68
C VAL C 400 -8.04 -30.14 -5.13
N ASN C 401 -8.27 -28.85 -5.33
CA ASN C 401 -7.22 -27.91 -5.70
C ASN C 401 -6.05 -27.84 -4.71
N VAL C 402 -6.37 -27.85 -3.41
CA VAL C 402 -5.36 -27.76 -2.35
C VAL C 402 -4.90 -29.13 -1.83
N THR C 403 -5.66 -30.18 -2.15
CA THR C 403 -5.24 -31.55 -1.85
C THR C 403 -3.97 -31.86 -2.65
N GLY C 404 -4.00 -31.52 -3.93
CA GLY C 404 -2.86 -31.68 -4.84
C GLY C 404 -1.66 -30.83 -4.47
N ASP C 405 -1.93 -29.65 -3.90
CA ASP C 405 -0.87 -28.78 -3.36
C ASP C 405 -0.11 -29.53 -2.27
N LEU C 406 -0.85 -30.13 -1.34
CA LEU C 406 -0.27 -30.85 -0.20
C LEU C 406 0.33 -32.19 -0.62
N THR C 407 -0.28 -32.83 -1.62
CA THR C 407 0.21 -34.11 -2.14
C THR C 407 1.55 -33.95 -2.84
N GLY C 408 1.69 -32.87 -3.61
CA GLY C 408 2.95 -32.55 -4.28
C GLY C 408 4.05 -32.18 -3.32
N THR C 409 3.72 -31.31 -2.36
CA THR C 409 4.65 -30.88 -1.31
C THR C 409 5.26 -32.08 -0.58
N ALA C 410 4.41 -33.04 -0.22
CA ALA C 410 4.83 -34.25 0.49
C ALA C 410 5.73 -35.14 -0.37
N ILE C 411 5.46 -35.19 -1.67
CA ILE C 411 6.25 -36.01 -2.60
C ILE C 411 7.63 -35.39 -2.87
N VAL C 412 7.71 -34.06 -2.88
CA VAL C 412 8.98 -33.35 -3.04
C VAL C 412 9.79 -33.38 -1.73
N ALA C 413 9.09 -33.44 -0.61
CA ALA C 413 9.73 -33.62 0.70
C ALA C 413 10.28 -35.04 0.87
N LYS C 414 9.68 -36.00 0.15
CA LYS C 414 10.15 -37.38 0.13
C LYS C 414 11.39 -37.55 -0.75
N THR C 415 11.42 -36.86 -1.89
CA THR C 415 12.59 -36.83 -2.76
C THR C 415 13.60 -35.82 -2.20
N GLU C 416 13.90 -35.95 -0.91
CA GLU C 416 14.77 -35.04 -0.19
C GLU C 416 15.43 -35.73 1.01
N GLY C 417 14.61 -36.23 1.93
CA GLY C 417 15.10 -36.94 3.11
C GLY C 417 14.12 -36.92 4.26
NA NA D . -12.74 11.39 19.30
N BCS E . -12.47 16.83 13.02
CA BCS E . -13.35 16.39 14.11
CB BCS E . -14.56 15.65 13.53
SG BCS E . -16.16 16.08 14.32
CD BCS E . -15.90 17.87 14.60
CE BCS E . -16.98 18.68 13.94
CZ1 BCS E . -17.40 18.38 12.64
CZ2 BCS E . -17.51 19.78 14.60
CT1 BCS E . -18.36 19.17 12.00
CT2 BCS E . -18.47 20.58 13.98
CH BCS E . -18.89 20.28 12.68
C BCS E . -12.59 15.49 15.11
O BCS E . -12.92 15.60 16.30
OXT BCS E . -11.71 14.73 14.65
NA NA F . 19.28 12.16 -11.43
N BCS G . 14.47 8.52 -17.33
CA BCS G . 15.25 9.75 -17.13
CB BCS G . 14.32 10.97 -17.00
SG BCS G . 14.93 12.49 -17.83
CD BCS G . 15.74 11.81 -19.29
CE BCS G . 15.21 12.34 -20.57
CZ1 BCS G . 13.88 12.79 -20.66
CZ2 BCS G . 16.02 12.37 -21.70
CT1 BCS G . 13.39 13.26 -21.88
CT2 BCS G . 15.53 12.83 -22.92
CH BCS G . 14.21 13.28 -23.00
C BCS G . 16.16 9.63 -15.88
O BCS G . 15.84 8.80 -15.01
OXT BCS G . 17.17 10.37 -15.85
NA NA H . -4.78 -24.48 -6.01
N BCS I . -11.84 -20.23 -5.95
CA BCS I . -11.34 -21.45 -6.62
CB BCS I . -10.91 -21.11 -8.06
SG BCS I . -11.39 -22.35 -9.33
CD BCS I . -12.90 -23.03 -8.61
CE BCS I . -14.03 -23.00 -9.59
CZ1 BCS I . -14.31 -21.83 -10.29
CZ2 BCS I . -14.81 -24.14 -9.78
CT1 BCS I . -15.37 -21.79 -11.19
CT2 BCS I . -15.86 -24.11 -10.67
CH BCS I . -16.14 -22.94 -11.38
C BCS I . -10.19 -22.07 -5.82
O BCS I . -9.64 -21.37 -4.94
OXT BCS I . -9.88 -23.26 -6.09
#